data_7FG3
#
_entry.id   7FG3
#
loop_
_entity.id
_entity.type
_entity.pdbx_description
1 polymer 'Spike glycoprotein'
2 polymer 'K-874A VHH'
#
loop_
_entity_poly.entity_id
_entity_poly.type
_entity_poly.pdbx_seq_one_letter_code
_entity_poly.pdbx_strand_id
1 'polypeptide(L)'
;MFVFLVLLPLVSSQCVNLTTRTQLPPAYTNSFTRGVYYPDKVFRSSVLHSTQDLFLPFFSNVTWFHAIHVSGTNGTKRFD
NPVLPFNDGVYFASTEKSNIIRGWIFGTTLDSKTQSLLIVNNATNVVIKVCEFQFCNDPFLGVYYHKNNKSWMESEFRVY
SSANNCTFEYVSQPFLMDLEGKQGNFKNLREFVFKNIDGYFKIYSKHTPINLVRDLPQGFSALEPLVDLPIGINITRFQT
LLALHRSYLTPGDSSSGWTAGAAAYYVGYLQPRTFLLKYNENGTITDAVDCALDPLSETKCTLKSFTVEKGIYQTSNFRV
QPTESIVRFPNITNLCPFGEVFNATRFASVYAWNRKRISNCVADYSVLYNSASFSTFKCYGVSPTKLNDLCFTNVYADSF
VIRGDEVRQIAPGQTGKIADYNYKLPDDFTGCVIAWNSNNLDSKVGGNYNYLYRLFRKSNLKPFERDISTEIYQAGSTPC
NGVEGFNCYFPLQSYGFQPTNGVGYQPYRVVVLSFELLHAPATVCGPKKSTNLVKNKCVNFNFNGLTGTGVLTESNKKFL
PFQQFGRDIADTTDAVRDPQTLEILDITPCSFGGVSVITPGTNTSNQVAVLYQDVNCTEVPVAIHADQLTPTWRVYSTGS
NVFQTRAGCLIGAEHVNNSYECDIPIGAGICASYQTQTNSPRRARSVASQSIIAYTMSLGAENSVAYSNNSIAIPTNFTI
SVTTEILPVSMTKTSVDCTMYICGDSTECSNLLLQYGSFCTQLNRALTGIAVEQDKNTQEVFAQVKQIYKTPPIKDFGGF
NFSQILPDPSKPSKRSFIEDLLFNKVTLADAGFIKQYGDCLGDIAARDLICAQKFNGLTVLPPLLTDEMIAQYTSALLAG
TITSGWTFGAGAALQIPFAMQMAYRFNGIGVTQNVLYENQKLIANQFNSAIGKIQDSLSSTASALGKLQDVVNQNAQALN
TLVKQLSSNFGAISSVLNDILSRLDKVEAEVQIDRLITGRLQSLQTYVTQQLIRAAEIRASANLAATKMSECVLGQSKRV
DFCGKGYHLMSFPQSAPHGVVFLHVTYVPAQEKNFTTAPAICHDGKAHFPREGVFVSNGTHWFVTQRNFYEPQIITTDNT
FVSGNCDVVIGIVNNTVYDPLQPELDSFKEELDKYFKNHTSPDVDLGDISGINASVVNIQKEIDRLNEVAKNLNESLIDL
QELGKYEQYIKWPWYIWLGFIAGLIAIVMVTIMLCCMTSCCSCLKGCCSCGSCCKFDEDDSEPVLKGVKLHYT
;
A
2 'polypeptide(L)'
;AEVQLVESGGGQVETGGSLRLSCQASGSTFSDYVMAWFRQRPGKEREFVATISRNGGTTTYGSSVKGRFTISRDNAKSTV
YLQMNSLKPEDTAVYYCYAVGGDGDSWGQGTQVTVSSEPKTPKPQSHHHHHH
;
D
#
# COMPACT_ATOMS: atom_id res chain seq x y z
N ALA A 27 -17.11 33.34 3.31
CA ALA A 27 -17.06 32.43 2.17
C ALA A 27 -15.85 31.51 2.27
N TYR A 28 -15.79 30.50 1.41
CA TYR A 28 -14.75 29.47 1.45
C TYR A 28 -14.00 29.48 0.12
N THR A 29 -12.72 29.84 0.14
CA THR A 29 -11.90 29.94 -1.05
C THR A 29 -10.68 29.02 -0.92
N ASN A 30 -10.33 28.35 -2.01
CA ASN A 30 -9.21 27.42 -1.99
C ASN A 30 -7.90 28.16 -1.77
N SER A 31 -6.96 27.49 -1.11
CA SER A 31 -5.56 27.92 -1.12
C SER A 31 -4.84 27.16 -2.22
N PHE A 32 -5.11 27.59 -3.45
CA PHE A 32 -4.72 26.85 -4.65
C PHE A 32 -3.24 26.51 -4.65
N THR A 33 -2.38 27.54 -4.67
CA THR A 33 -0.95 27.35 -4.56
C THR A 33 -0.41 27.76 -3.21
N ARG A 34 -1.27 28.02 -2.23
CA ARG A 34 -0.82 28.47 -0.92
C ARG A 34 -0.66 27.29 0.02
N GLY A 35 0.54 27.14 0.57
CA GLY A 35 0.87 26.02 1.42
C GLY A 35 2.30 25.56 1.21
N VAL A 36 2.83 25.90 0.04
CA VAL A 36 4.22 25.64 -0.32
C VAL A 36 5.12 26.73 0.26
N TYR A 37 6.30 26.32 0.74
CA TYR A 37 7.27 27.26 1.31
C TYR A 37 8.59 26.52 1.52
N TYR A 38 9.52 27.20 2.18
CA TYR A 38 10.83 26.64 2.51
C TYR A 38 10.86 26.19 3.96
N PRO A 39 10.74 24.90 4.26
CA PRO A 39 10.85 24.50 5.68
C PRO A 39 12.17 24.91 6.34
N ASP A 40 13.24 25.13 5.57
CA ASP A 40 14.51 25.55 6.14
C ASP A 40 15.43 26.15 5.05
N LYS A 41 16.72 26.30 5.35
CA LYS A 41 17.61 27.06 4.47
C LYS A 41 17.93 26.24 3.24
N VAL A 42 17.26 26.47 2.13
CA VAL A 42 17.56 25.74 0.90
C VAL A 42 17.42 26.69 -0.29
N PHE A 43 18.55 27.10 -0.85
CA PHE A 43 18.56 27.79 -2.14
C PHE A 43 18.80 26.79 -3.26
N ARG A 44 17.92 25.80 -3.37
CA ARG A 44 18.15 24.63 -4.20
C ARG A 44 18.03 25.01 -5.67
N SER A 45 18.31 24.04 -6.56
CA SER A 45 18.19 24.33 -7.99
C SER A 45 17.84 23.09 -8.79
N SER A 46 16.60 23.05 -9.30
CA SER A 46 16.19 22.19 -10.41
C SER A 46 16.38 20.69 -10.21
N VAL A 47 16.46 20.21 -8.96
CA VAL A 47 16.59 18.78 -8.69
C VAL A 47 15.52 18.40 -7.68
N LEU A 48 15.32 17.08 -7.53
CA LEU A 48 14.14 16.53 -6.85
C LEU A 48 14.53 16.09 -5.44
N HIS A 49 13.88 16.68 -4.44
CA HIS A 49 14.13 16.34 -3.05
C HIS A 49 12.90 16.64 -2.19
N SER A 50 12.75 15.87 -1.10
CA SER A 50 11.56 15.92 -0.26
C SER A 50 11.90 16.41 1.14
N THR A 51 10.87 16.92 1.83
CA THR A 51 10.99 17.47 3.17
C THR A 51 9.68 17.25 3.91
N GLN A 52 9.77 16.99 5.22
CA GLN A 52 8.63 16.50 6.00
C GLN A 52 8.41 17.39 7.22
N ASP A 53 7.53 18.38 7.09
CA ASP A 53 7.24 19.33 8.16
C ASP A 53 5.79 19.80 8.05
N LEU A 54 5.50 20.91 8.73
CA LEU A 54 4.13 21.36 8.99
C LEU A 54 3.64 22.20 7.81
N PHE A 55 3.00 21.54 6.86
CA PHE A 55 2.69 22.12 5.56
C PHE A 55 1.21 22.41 5.38
N LEU A 56 0.91 23.61 4.89
CA LEU A 56 -0.47 23.99 4.61
C LEU A 56 -1.03 23.20 3.43
N PRO A 57 -2.19 22.59 3.58
CA PRO A 57 -2.80 21.85 2.46
C PRO A 57 -3.08 22.76 1.27
N PHE A 58 -3.07 22.15 0.09
CA PHE A 58 -3.34 22.86 -1.14
C PHE A 58 -4.84 22.77 -1.47
N PHE A 59 -5.30 23.74 -2.27
CA PHE A 59 -6.74 24.01 -2.43
C PHE A 59 -7.43 24.10 -1.08
N SER A 60 -6.71 24.46 -0.02
CA SER A 60 -7.29 24.50 1.31
C SER A 60 -8.26 25.66 1.41
N ASN A 61 -9.51 25.36 1.77
CA ASN A 61 -10.52 26.40 1.88
C ASN A 61 -10.13 27.41 2.96
N VAL A 62 -10.23 28.69 2.62
CA VAL A 62 -9.81 29.76 3.51
C VAL A 62 -11.03 30.52 3.96
N THR A 63 -11.06 30.87 5.24
CA THR A 63 -12.18 31.59 5.81
C THR A 63 -11.99 33.08 5.57
N TRP A 64 -12.94 33.70 4.91
CA TRP A 64 -12.92 35.14 4.66
C TRP A 64 -13.41 35.88 5.89
N PHE A 65 -12.79 37.03 6.15
CA PHE A 65 -13.30 37.99 7.12
C PHE A 65 -13.04 39.38 6.55
N HIS A 66 -14.00 39.90 5.82
CA HIS A 66 -13.91 41.18 5.13
C HIS A 66 -14.64 42.29 5.87
N ALA A 67 -15.71 41.96 6.58
CA ALA A 67 -16.52 42.94 7.30
C ALA A 67 -17.07 42.31 8.55
N ILE A 68 -17.56 43.15 9.46
CA ILE A 68 -18.28 42.64 10.61
C ILE A 68 -19.61 42.01 10.17
N HIS A 69 -20.36 42.70 9.32
CA HIS A 69 -21.68 42.24 8.88
C HIS A 69 -22.53 41.83 10.07
N ASP A 80 -13.70 43.10 14.28
CA ASP A 80 -13.78 42.98 12.83
C ASP A 80 -13.83 41.52 12.38
N ASN A 81 -12.95 40.70 12.93
CA ASN A 81 -12.73 39.34 12.41
C ASN A 81 -12.73 38.36 13.57
N PRO A 82 -13.68 37.42 13.61
CA PRO A 82 -13.80 36.53 14.78
C PRO A 82 -12.54 35.73 15.03
N VAL A 83 -12.27 35.50 16.32
CA VAL A 83 -11.10 34.73 16.73
C VAL A 83 -11.22 33.29 16.24
N LEU A 84 -10.08 32.69 15.94
CA LEU A 84 -10.00 31.36 15.35
C LEU A 84 -9.03 30.49 16.10
N PRO A 85 -9.21 29.17 16.08
CA PRO A 85 -8.24 28.27 16.70
C PRO A 85 -7.01 28.07 15.84
N PHE A 86 -5.87 27.82 16.49
CA PHE A 86 -4.62 27.73 15.74
C PHE A 86 -4.56 26.45 14.92
N ASN A 87 -5.09 25.34 15.45
CA ASN A 87 -5.18 24.07 14.73
C ASN A 87 -3.80 23.56 14.31
N ASP A 88 -2.77 23.90 15.07
CA ASP A 88 -1.39 23.53 14.78
C ASP A 88 -0.98 23.99 13.39
N GLY A 89 -1.69 24.97 12.85
CA GLY A 89 -1.25 25.62 11.63
C GLY A 89 -2.28 26.60 11.11
N VAL A 90 -1.83 27.79 10.72
CA VAL A 90 -2.71 28.81 10.15
C VAL A 90 -1.97 29.54 9.03
N TYR A 91 -2.74 30.09 8.10
CA TYR A 91 -2.21 30.88 7.00
C TYR A 91 -2.82 32.27 7.02
N PHE A 92 -2.11 33.21 6.43
CA PHE A 92 -2.60 34.56 6.25
C PHE A 92 -2.04 35.12 4.95
N ALA A 93 -2.77 36.08 4.38
CA ALA A 93 -2.29 36.81 3.23
C ALA A 93 -3.16 38.05 3.08
N SER A 94 -2.52 39.21 2.96
CA SER A 94 -3.25 40.47 2.91
C SER A 94 -3.37 40.93 1.46
N THR A 95 -4.54 41.47 1.13
CA THR A 95 -4.78 42.09 -0.17
C THR A 95 -5.31 43.49 0.08
N GLU A 96 -4.40 44.45 0.27
CA GLU A 96 -4.73 45.80 0.66
C GLU A 96 -4.60 46.75 -0.52
N LYS A 97 -5.51 47.73 -0.58
CA LYS A 97 -5.28 48.87 -1.44
C LYS A 97 -4.21 49.78 -0.87
N SER A 98 -4.30 50.11 0.41
CA SER A 98 -3.36 51.03 1.03
C SER A 98 -2.97 50.50 2.40
N ASN A 99 -1.93 51.11 2.98
CA ASN A 99 -1.36 50.65 4.24
C ASN A 99 -2.35 50.80 5.38
N ILE A 100 -2.93 49.67 5.81
CA ILE A 100 -3.84 49.66 6.95
C ILE A 100 -3.36 48.65 8.00
N ILE A 101 -2.89 47.49 7.54
CA ILE A 101 -2.75 46.32 8.42
C ILE A 101 -1.78 46.59 9.56
N ARG A 102 -2.21 46.29 10.78
CA ARG A 102 -1.35 46.22 11.95
C ARG A 102 -0.98 44.76 12.23
N GLY A 103 -0.45 44.48 13.42
CA GLY A 103 0.05 43.16 13.75
C GLY A 103 -1.00 42.24 14.33
N TRP A 104 -0.53 41.24 15.09
CA TRP A 104 -1.40 40.24 15.70
C TRP A 104 -0.90 39.96 17.12
N ILE A 105 -1.63 39.11 17.82
CA ILE A 105 -1.26 38.67 19.17
C ILE A 105 -1.48 37.16 19.25
N PHE A 106 -0.49 36.44 19.75
CA PHE A 106 -0.52 34.98 19.84
C PHE A 106 -0.48 34.56 21.31
N GLY A 107 -1.07 33.41 21.60
CA GLY A 107 -1.06 32.90 22.96
C GLY A 107 -2.23 31.97 23.21
N THR A 108 -2.18 31.35 24.39
CA THR A 108 -3.24 30.41 24.76
C THR A 108 -4.53 31.15 25.09
N THR A 109 -4.50 31.98 26.14
CA THR A 109 -5.66 32.77 26.52
C THR A 109 -5.63 34.18 25.94
N LEU A 110 -4.54 34.57 25.29
CA LEU A 110 -4.35 35.93 24.79
C LEU A 110 -4.50 36.96 25.91
N ASP A 111 -4.26 36.54 27.14
CA ASP A 111 -4.52 37.34 28.32
C ASP A 111 -3.32 37.23 29.25
N SER A 112 -3.31 38.10 30.28
CA SER A 112 -2.22 38.09 31.25
C SER A 112 -2.15 36.79 32.04
N LYS A 113 -3.14 35.91 31.91
CA LYS A 113 -3.18 34.69 32.69
C LYS A 113 -2.13 33.68 32.21
N THR A 114 -1.91 33.61 30.90
CA THR A 114 -1.04 32.61 30.31
C THR A 114 0.00 33.27 29.42
N GLN A 115 1.18 32.66 29.34
CA GLN A 115 2.24 33.16 28.48
C GLN A 115 1.74 33.28 27.04
N SER A 116 1.86 34.48 26.47
CA SER A 116 1.27 34.80 25.17
C SER A 116 2.38 35.33 24.27
N LEU A 117 1.98 35.89 23.13
CA LEU A 117 2.91 36.47 22.17
C LEU A 117 2.24 37.66 21.50
N LEU A 118 3.06 38.61 21.07
CA LEU A 118 2.58 39.81 20.40
C LEU A 118 3.39 40.05 19.14
N ILE A 119 2.75 40.59 18.10
CA ILE A 119 3.41 41.01 16.88
C ILE A 119 2.91 42.41 16.53
N VAL A 120 3.83 43.36 16.42
CA VAL A 120 3.49 44.76 16.17
C VAL A 120 4.40 45.30 15.08
N ASN A 121 3.85 46.14 14.20
CA ASN A 121 4.59 46.82 13.15
C ASN A 121 4.56 48.32 13.42
N ASN A 122 5.75 48.93 13.53
CA ASN A 122 5.88 50.35 13.84
C ASN A 122 6.01 51.23 12.61
N ALA A 123 6.04 50.65 11.41
CA ALA A 123 6.34 51.36 10.17
C ALA A 123 7.75 51.93 10.21
N THR A 124 8.47 51.61 11.29
CA THR A 124 9.88 51.95 11.48
C THR A 124 10.72 50.72 11.75
N ASN A 125 10.18 49.77 12.52
CA ASN A 125 10.85 48.54 12.88
C ASN A 125 9.85 47.59 13.53
N VAL A 126 10.04 46.30 13.28
CA VAL A 126 9.17 45.28 13.85
C VAL A 126 9.72 44.85 15.19
N VAL A 127 8.82 44.52 16.12
CA VAL A 127 9.18 43.96 17.42
C VAL A 127 8.31 42.74 17.65
N ILE A 128 8.78 41.83 18.48
CA ILE A 128 7.99 40.69 18.93
C ILE A 128 8.01 40.65 20.44
N LYS A 129 6.82 40.54 21.03
CA LYS A 129 6.66 40.52 22.47
C LYS A 129 5.97 39.21 22.85
N VAL A 130 6.51 38.54 23.87
CA VAL A 130 5.99 37.26 24.34
C VAL A 130 5.18 37.56 25.59
N CYS A 131 4.63 38.77 25.63
CA CYS A 131 4.18 39.45 26.83
C CYS A 131 2.78 38.97 27.20
N GLU A 132 2.36 39.34 28.41
CA GLU A 132 1.04 38.98 28.93
C GLU A 132 0.19 40.24 29.12
N PHE A 133 -0.51 40.62 28.06
CA PHE A 133 -1.39 41.77 28.13
C PHE A 133 -2.81 41.37 28.53
N GLN A 134 -3.46 42.23 29.29
CA GLN A 134 -4.87 42.00 29.64
C GLN A 134 -5.71 41.92 28.38
N PHE A 135 -6.53 40.88 28.29
CA PHE A 135 -7.27 40.60 27.06
C PHE A 135 -8.33 41.66 26.83
N CYS A 136 -8.17 42.44 25.76
CA CYS A 136 -9.17 43.40 25.31
C CYS A 136 -9.89 42.78 24.13
N ASN A 137 -11.22 42.71 24.20
CA ASN A 137 -12.00 42.14 23.12
C ASN A 137 -11.72 42.86 21.81
N ASP A 138 -11.50 44.18 21.88
CA ASP A 138 -11.20 44.99 20.71
C ASP A 138 -9.89 45.73 20.93
N PRO A 139 -8.90 45.57 20.04
CA PRO A 139 -7.71 46.44 20.11
C PRO A 139 -7.98 47.87 19.67
N VAL A 159 -3.27 49.31 21.60
CA VAL A 159 -2.88 47.91 21.46
C VAL A 159 -2.10 47.42 22.68
N TYR A 160 -1.59 48.35 23.49
CA TYR A 160 -0.82 48.01 24.69
C TYR A 160 -1.71 48.18 25.91
N SER A 161 -2.49 47.13 26.19
CA SER A 161 -3.45 47.18 27.30
C SER A 161 -2.74 47.18 28.65
N SER A 162 -1.80 46.26 28.83
CA SER A 162 -1.09 46.13 30.11
C SER A 162 0.18 45.31 29.86
N ALA A 163 1.33 45.97 29.94
CA ALA A 163 2.61 45.32 29.66
C ALA A 163 3.02 44.47 30.85
N ASN A 164 3.23 43.17 30.62
CA ASN A 164 3.52 42.22 31.68
C ASN A 164 4.46 41.14 31.19
N ASN A 165 5.50 40.83 31.98
CA ASN A 165 6.33 39.64 31.81
C ASN A 165 6.84 39.52 30.37
N CYS A 166 7.60 40.53 29.95
CA CYS A 166 8.03 40.68 28.56
C CYS A 166 9.40 40.03 28.39
N THR A 167 9.40 38.71 28.20
CA THR A 167 10.61 37.91 28.21
C THR A 167 11.45 38.04 26.95
N PHE A 168 10.86 38.49 25.84
CA PHE A 168 11.59 38.62 24.58
C PHE A 168 11.43 40.02 24.01
N GLU A 169 12.49 40.49 23.37
CA GLU A 169 12.49 41.75 22.64
C GLU A 169 13.33 41.59 21.39
N TYR A 170 13.00 42.37 20.36
CA TYR A 170 13.60 42.19 19.04
C TYR A 170 13.31 43.43 18.20
N VAL A 171 14.28 43.81 17.36
CA VAL A 171 14.11 44.94 16.45
C VAL A 171 14.71 44.57 15.09
N SER A 172 13.94 44.79 14.03
CA SER A 172 14.43 44.62 12.66
C SER A 172 13.54 45.45 11.75
N GLN A 173 13.81 45.40 10.45
CA GLN A 173 13.11 46.27 9.51
C GLN A 173 11.62 45.94 9.47
N PRO A 174 10.78 46.95 9.31
CA PRO A 174 9.33 46.71 9.34
C PRO A 174 8.85 45.83 8.20
N PHE A 175 7.81 45.04 8.50
CA PHE A 175 7.18 44.18 7.49
C PHE A 175 6.40 45.05 6.51
N LEU A 176 6.65 44.79 5.24
CA LEU A 176 6.29 45.75 4.21
C LEU A 176 4.81 45.72 3.85
N MET A 177 4.42 46.60 2.94
CA MET A 177 3.12 47.27 3.02
C MET A 177 2.63 47.72 1.65
N ASP A 178 2.08 48.94 1.63
CA ASP A 178 1.46 49.66 0.52
C ASP A 178 2.46 49.84 -0.62
N LEU A 179 2.53 51.02 -1.26
CA LEU A 179 2.51 51.24 -2.70
C LEU A 179 2.63 50.02 -3.61
N GLU A 180 3.23 48.90 -3.20
CA GLU A 180 2.82 47.66 -3.85
C GLU A 180 1.29 47.51 -3.89
N GLY A 181 0.57 48.28 -3.07
CA GLY A 181 -0.89 48.27 -3.14
C GLY A 181 -1.49 49.36 -4.01
N LYS A 182 -0.80 50.51 -4.15
CA LYS A 182 -1.40 51.62 -4.90
C LYS A 182 -0.60 52.09 -6.11
N GLN A 183 0.73 52.23 -5.97
CA GLN A 183 1.52 52.97 -6.95
C GLN A 183 1.43 52.37 -8.34
N GLY A 184 1.48 51.05 -8.45
CA GLY A 184 1.44 50.39 -9.73
C GLY A 184 0.07 50.20 -10.31
N ASN A 185 -0.97 50.71 -9.66
CA ASN A 185 -2.38 50.59 -10.04
C ASN A 185 -2.87 49.15 -9.97
N PHE A 186 -2.02 48.22 -9.59
CA PHE A 186 -2.45 46.90 -9.14
C PHE A 186 -2.47 46.91 -7.60
N LYS A 187 -2.67 45.75 -7.00
CA LYS A 187 -2.60 45.66 -5.55
C LYS A 187 -1.58 44.59 -5.17
N ASN A 188 -1.44 44.29 -3.88
CA ASN A 188 -0.42 43.35 -3.43
C ASN A 188 -1.01 42.26 -2.55
N LEU A 189 -0.57 41.02 -2.79
CA LEU A 189 -0.92 39.86 -1.99
C LEU A 189 0.28 39.50 -1.13
N ARG A 190 0.15 39.68 0.19
CA ARG A 190 1.25 39.51 1.12
C ARG A 190 1.01 38.25 1.95
N GLU A 191 1.46 37.13 1.43
CA GLU A 191 1.31 35.85 2.10
C GLU A 191 2.20 35.79 3.34
N PHE A 192 1.66 35.25 4.43
CA PHE A 192 2.42 34.96 5.64
C PHE A 192 2.25 33.49 6.01
N VAL A 193 3.31 32.91 6.57
CA VAL A 193 3.30 31.54 7.06
C VAL A 193 3.66 31.57 8.54
N PHE A 194 2.77 31.04 9.38
CA PHE A 194 2.95 31.03 10.83
C PHE A 194 3.03 29.59 11.29
N LYS A 195 4.13 29.22 11.95
CA LYS A 195 4.33 27.84 12.37
C LYS A 195 5.00 27.78 13.73
N ASN A 196 4.64 26.77 14.52
CA ASN A 196 5.28 26.48 15.79
C ASN A 196 5.72 25.02 15.79
N ILE A 197 7.02 24.79 15.66
CA ILE A 197 7.61 23.46 15.76
C ILE A 197 8.80 23.58 16.70
N ASP A 198 8.76 22.84 17.82
CA ASP A 198 9.78 22.95 18.87
C ASP A 198 9.99 24.38 19.32
N GLY A 199 8.90 25.16 19.34
CA GLY A 199 8.96 26.54 19.74
C GLY A 199 9.58 27.48 18.72
N TYR A 200 9.92 26.99 17.52
CA TYR A 200 10.60 27.79 16.51
C TYR A 200 9.52 28.53 15.73
N PHE A 201 9.25 29.79 16.09
CA PHE A 201 8.09 30.49 15.52
C PHE A 201 8.38 30.82 14.06
N LYS A 202 7.94 29.94 13.17
CA LYS A 202 8.38 29.88 11.77
C LYS A 202 7.60 30.89 10.94
N ILE A 203 8.13 32.11 10.85
CA ILE A 203 7.43 33.23 10.23
C ILE A 203 7.93 33.44 8.81
N TYR A 204 7.04 33.31 7.83
CA TYR A 204 7.36 33.62 6.45
C TYR A 204 6.52 34.76 5.91
N SER A 205 7.02 35.36 4.82
CA SER A 205 6.29 36.38 4.08
C SER A 205 6.99 36.62 2.75
N LYS A 206 6.23 37.19 1.82
CA LYS A 206 6.69 38.04 0.73
C LYS A 206 5.49 38.77 0.16
N HIS A 207 5.75 39.56 -0.88
CA HIS A 207 4.73 40.24 -1.65
C HIS A 207 4.47 39.48 -2.93
N THR A 208 3.22 39.48 -3.39
CA THR A 208 2.88 38.86 -4.66
C THR A 208 1.77 39.68 -5.30
N PRO A 209 2.11 40.76 -6.00
CA PRO A 209 1.06 41.63 -6.55
C PRO A 209 0.16 40.90 -7.53
N ILE A 210 -1.14 41.17 -7.42
CA ILE A 210 -2.17 40.61 -8.27
C ILE A 210 -3.14 41.72 -8.66
N ASN A 211 -3.90 41.47 -9.72
CA ASN A 211 -4.96 42.38 -10.14
C ASN A 211 -6.36 41.79 -9.99
N LEU A 212 -6.47 40.50 -9.69
CA LEU A 212 -7.77 39.85 -9.49
C LEU A 212 -8.05 39.79 -7.99
N VAL A 213 -8.85 40.74 -7.52
CA VAL A 213 -9.18 40.84 -6.10
C VAL A 213 -10.49 40.11 -5.82
N ARG A 214 -11.06 39.50 -6.86
CA ARG A 214 -12.33 38.79 -6.70
C ARG A 214 -12.18 37.64 -5.71
N ASP A 215 -11.15 36.82 -5.87
CA ASP A 215 -10.86 35.71 -4.97
C ASP A 215 -9.35 35.52 -4.98
N LEU A 216 -8.90 34.36 -4.48
CA LEU A 216 -7.49 34.06 -4.53
C LEU A 216 -7.16 33.51 -5.92
N PRO A 217 -6.34 34.20 -6.70
CA PRO A 217 -6.06 33.77 -8.07
C PRO A 217 -4.92 32.75 -8.10
N GLN A 218 -4.54 32.37 -9.31
CA GLN A 218 -3.38 31.51 -9.53
C GLN A 218 -2.15 32.40 -9.63
N GLY A 219 -1.00 31.84 -10.00
CA GLY A 219 0.25 32.56 -9.92
C GLY A 219 1.04 32.07 -8.73
N PHE A 220 2.35 32.28 -8.70
CA PHE A 220 3.19 31.63 -7.71
C PHE A 220 4.28 32.56 -7.20
N SER A 221 4.73 32.26 -5.97
CA SER A 221 5.86 32.93 -5.35
C SER A 221 6.46 31.99 -4.30
N ALA A 222 7.73 32.22 -4.00
CA ALA A 222 8.43 31.43 -2.99
C ALA A 222 8.04 31.89 -1.59
N LEU A 223 8.75 31.39 -0.57
CA LEU A 223 8.53 31.78 0.83
C LEU A 223 9.79 31.43 1.62
N GLU A 224 10.50 32.46 2.11
CA GLU A 224 11.72 32.29 2.87
C GLU A 224 11.67 33.02 4.21
N PRO A 225 12.38 32.52 5.21
CA PRO A 225 12.18 32.95 6.60
C PRO A 225 12.55 34.40 6.86
N LEU A 226 11.96 34.92 7.95
CA LEU A 226 12.15 36.32 8.35
C LEU A 226 12.85 36.45 9.70
N VAL A 227 12.26 35.90 10.76
CA VAL A 227 12.74 36.10 12.14
C VAL A 227 12.24 34.92 12.95
N ASP A 228 12.79 34.75 14.15
CA ASP A 228 12.32 33.70 15.04
C ASP A 228 12.64 33.99 16.50
N LEU A 229 11.98 33.22 17.37
CA LEU A 229 12.13 33.23 18.81
C LEU A 229 12.16 31.78 19.32
N PRO A 230 12.99 31.49 20.32
CA PRO A 230 13.04 30.14 20.92
C PRO A 230 12.03 30.00 22.06
N ILE A 231 10.75 29.96 21.71
CA ILE A 231 9.70 30.23 22.69
C ILE A 231 9.44 29.00 23.55
N GLY A 232 8.94 27.93 22.95
CA GLY A 232 8.40 26.84 23.74
C GLY A 232 6.97 27.06 24.19
N ILE A 233 6.24 27.93 23.51
CA ILE A 233 4.84 28.22 23.83
C ILE A 233 3.97 27.12 23.25
N ASN A 234 2.84 26.87 23.91
CA ASN A 234 1.82 25.97 23.39
C ASN A 234 0.72 26.83 22.79
N ILE A 235 0.74 26.99 21.47
CA ILE A 235 -0.08 27.96 20.75
C ILE A 235 -1.39 27.30 20.33
N THR A 236 -2.51 27.94 20.66
CA THR A 236 -3.82 27.36 20.37
C THR A 236 -4.78 28.36 19.73
N ARG A 237 -4.64 29.65 20.05
CA ARG A 237 -5.60 30.65 19.63
C ARG A 237 -4.88 31.96 19.35
N PHE A 238 -5.52 32.81 18.54
CA PHE A 238 -4.83 33.98 18.00
C PHE A 238 -5.85 35.05 17.62
N GLN A 239 -5.43 36.31 17.65
CA GLN A 239 -6.30 37.42 17.32
C GLN A 239 -5.63 38.37 16.33
N THR A 240 -6.46 39.09 15.58
CA THR A 240 -6.00 40.08 14.61
C THR A 240 -6.14 41.48 15.20
N LEU A 241 -5.09 42.28 15.09
CA LEU A 241 -5.07 43.63 15.63
C LEU A 241 -4.93 44.65 14.50
N LEU A 242 -5.72 45.71 14.58
CA LEU A 242 -5.60 46.84 13.66
C LEU A 242 -6.29 48.03 14.29
N ALA A 243 -5.58 49.15 14.36
CA ALA A 243 -6.14 50.39 14.91
C ALA A 243 -6.94 51.08 13.83
N THR A 259 -15.64 48.75 10.69
CA THR A 259 -14.97 47.64 10.03
C THR A 259 -15.89 46.87 9.09
N ALA A 260 -17.01 47.47 8.68
CA ALA A 260 -17.92 46.85 7.72
C ALA A 260 -17.45 47.19 6.30
N GLY A 261 -16.50 46.41 5.83
CA GLY A 261 -15.92 46.62 4.51
C GLY A 261 -14.41 46.70 4.52
N ALA A 262 -13.78 46.16 5.56
CA ALA A 262 -12.32 46.16 5.66
C ALA A 262 -11.75 45.24 4.58
N ALA A 263 -10.44 45.37 4.35
CA ALA A 263 -9.78 44.67 3.26
C ALA A 263 -9.99 43.15 3.36
N ALA A 264 -9.83 42.49 2.24
CA ALA A 264 -10.06 41.05 2.12
C ALA A 264 -8.75 40.28 2.30
N TYR A 265 -8.84 39.20 3.06
CA TYR A 265 -7.71 38.31 3.34
C TYR A 265 -8.15 36.86 3.49
N TYR A 266 -7.25 35.99 3.94
CA TYR A 266 -7.48 34.54 3.93
C TYR A 266 -7.09 33.96 5.28
N VAL A 267 -7.55 32.75 5.56
CA VAL A 267 -7.10 31.98 6.73
C VAL A 267 -7.07 30.51 6.34
N GLY A 268 -5.87 29.92 6.27
CA GLY A 268 -5.72 28.54 5.88
C GLY A 268 -4.99 27.68 6.89
N TYR A 269 -5.62 26.61 7.34
CA TYR A 269 -5.11 25.81 8.44
C TYR A 269 -4.11 24.77 7.94
N LEU A 270 -2.97 24.66 8.60
CA LEU A 270 -1.85 23.89 8.08
C LEU A 270 -1.94 22.43 8.52
N GLN A 271 -0.94 21.63 8.13
CA GLN A 271 -0.87 20.21 8.46
C GLN A 271 0.57 19.73 8.52
N PRO A 272 0.89 18.77 9.39
CA PRO A 272 2.25 18.19 9.44
C PRO A 272 2.53 17.20 8.32
N ARG A 273 2.96 17.67 7.15
CA ARG A 273 3.01 16.89 5.91
C ARG A 273 4.43 16.77 5.38
N THR A 274 4.56 16.25 4.14
CA THR A 274 5.86 15.88 3.56
C THR A 274 6.00 16.36 2.11
N PHE A 275 6.41 17.62 1.91
CA PHE A 275 6.68 18.13 0.57
C PHE A 275 7.86 17.47 -0.11
N LEU A 276 7.83 17.48 -1.44
CA LEU A 276 8.99 17.37 -2.29
C LEU A 276 9.16 18.69 -3.02
N LEU A 277 10.41 19.15 -3.14
CA LEU A 277 10.69 20.54 -3.54
C LEU A 277 11.53 20.55 -4.80
N LYS A 278 11.01 21.15 -5.86
CA LYS A 278 11.76 21.39 -7.08
C LYS A 278 11.87 22.88 -7.35
N TYR A 279 12.89 23.26 -8.13
CA TYR A 279 13.41 24.62 -8.12
C TYR A 279 13.76 25.09 -9.52
N ASN A 280 13.95 26.41 -9.63
CA ASN A 280 14.57 27.02 -10.79
C ASN A 280 16.08 27.03 -10.59
N GLU A 281 16.80 27.77 -11.44
CA GLU A 281 18.24 27.89 -11.33
C GLU A 281 18.67 29.02 -10.40
N ASN A 282 17.74 29.80 -9.86
CA ASN A 282 18.08 30.96 -9.03
C ASN A 282 17.77 30.76 -7.55
N GLY A 283 17.61 29.52 -7.10
CA GLY A 283 17.37 29.27 -5.69
C GLY A 283 16.01 29.76 -5.21
N THR A 284 14.98 29.55 -6.03
CA THR A 284 13.63 29.96 -5.69
C THR A 284 12.69 28.76 -5.84
N ILE A 285 11.61 28.77 -5.05
CA ILE A 285 10.67 27.66 -5.07
C ILE A 285 9.96 27.63 -6.41
N THR A 286 9.63 26.44 -6.88
CA THR A 286 8.73 26.30 -8.02
C THR A 286 7.66 25.22 -7.87
N ASP A 287 7.76 24.32 -6.89
CA ASP A 287 6.97 23.10 -6.94
C ASP A 287 6.80 22.49 -5.56
N ALA A 288 5.59 21.96 -5.30
CA ALA A 288 5.26 21.11 -4.15
C ALA A 288 3.80 20.70 -4.28
N VAL A 289 3.42 19.62 -3.59
CA VAL A 289 2.06 19.08 -3.66
C VAL A 289 1.60 18.57 -2.28
N ASP A 290 0.40 17.98 -2.19
CA ASP A 290 -0.52 18.22 -1.07
C ASP A 290 -0.73 17.08 -0.07
N CYS A 291 -0.99 15.84 -0.50
CA CYS A 291 -1.37 14.69 0.38
C CYS A 291 -2.69 14.80 1.15
N ALA A 292 -3.79 14.36 0.50
CA ALA A 292 -5.12 14.12 1.06
C ALA A 292 -6.00 15.35 1.10
N LEU A 293 -5.69 16.31 0.24
CA LEU A 293 -6.41 17.55 0.02
C LEU A 293 -6.23 17.74 -1.49
N ASP A 294 -5.97 18.96 -1.98
CA ASP A 294 -6.20 19.66 -3.25
C ASP A 294 -6.76 18.90 -4.46
N PRO A 295 -6.93 17.61 -4.42
CA PRO A 295 -6.24 16.68 -5.33
C PRO A 295 -5.64 17.21 -6.64
N LEU A 296 -6.10 18.32 -7.23
CA LEU A 296 -5.41 18.80 -8.42
C LEU A 296 -3.93 19.07 -8.14
N SER A 297 -3.64 20.04 -7.28
CA SER A 297 -2.26 20.23 -6.87
C SER A 297 -1.85 19.22 -5.81
N GLU A 298 -2.66 18.19 -5.56
CA GLU A 298 -2.16 16.94 -5.01
C GLU A 298 -1.97 15.92 -6.13
N THR A 299 -0.96 16.14 -6.94
CA THR A 299 -0.42 15.03 -7.70
C THR A 299 0.17 14.00 -6.75
N LYS A 300 0.56 14.46 -5.58
CA LYS A 300 0.98 13.71 -4.39
C LYS A 300 1.07 14.75 -3.28
N CYS A 301 1.75 14.43 -2.19
CA CYS A 301 2.47 15.52 -1.55
C CYS A 301 3.90 15.58 -2.07
N THR A 302 4.29 14.62 -2.92
CA THR A 302 5.57 14.57 -3.64
C THR A 302 5.37 14.08 -5.08
N LEU A 303 5.11 15.01 -6.01
CA LEU A 303 5.36 14.80 -7.44
C LEU A 303 6.05 15.97 -8.11
N LYS A 304 6.97 16.65 -7.42
CA LYS A 304 8.13 17.30 -8.04
C LYS A 304 7.79 18.43 -8.99
N SER A 305 6.52 18.73 -9.25
CA SER A 305 6.23 19.71 -10.28
C SER A 305 4.81 20.26 -10.13
N PHE A 306 4.69 21.60 -10.17
CA PHE A 306 3.41 22.21 -10.52
C PHE A 306 3.03 21.84 -11.94
N THR A 307 4.02 21.85 -12.84
CA THR A 307 3.78 21.62 -14.27
C THR A 307 3.71 20.13 -14.57
N VAL A 308 2.85 19.44 -13.80
CA VAL A 308 2.58 18.05 -14.10
C VAL A 308 1.83 17.95 -15.42
N GLU A 309 1.89 16.77 -16.02
CA GLU A 309 1.14 16.47 -17.22
C GLU A 309 -0.10 15.66 -16.86
N LYS A 310 -0.95 15.42 -17.85
CA LYS A 310 -2.12 14.59 -17.64
C LYS A 310 -1.68 13.17 -17.27
N GLY A 311 -1.89 12.77 -16.02
CA GLY A 311 -1.45 11.46 -15.58
C GLY A 311 -2.11 10.97 -14.29
N ILE A 312 -2.41 9.68 -14.24
CA ILE A 312 -2.92 9.06 -13.03
C ILE A 312 -1.79 8.95 -12.01
N TYR A 313 -2.03 9.47 -10.80
CA TYR A 313 -0.99 9.63 -9.77
C TYR A 313 -1.51 9.03 -8.47
N GLN A 314 -1.01 7.84 -8.10
CA GLN A 314 -1.37 7.29 -6.80
C GLN A 314 -0.99 8.27 -5.69
N THR A 315 -1.86 8.42 -4.70
CA THR A 315 -1.74 9.55 -3.79
C THR A 315 -1.44 9.17 -2.33
N SER A 316 -2.25 8.33 -1.67
CA SER A 316 -2.04 8.15 -0.24
C SER A 316 -2.71 6.87 0.24
N ASN A 317 -2.27 6.41 1.41
CA ASN A 317 -2.69 5.12 1.95
C ASN A 317 -3.87 5.21 2.92
N PHE A 318 -4.96 5.86 2.50
CA PHE A 318 -6.25 5.83 3.19
C PHE A 318 -7.30 5.32 2.22
N ARG A 319 -7.00 4.21 1.57
CA ARG A 319 -7.34 4.01 0.17
C ARG A 319 -8.82 4.01 -0.17
N VAL A 320 -9.53 2.94 0.19
CA VAL A 320 -10.83 2.64 -0.42
C VAL A 320 -11.71 1.76 0.49
N GLN A 321 -12.96 1.54 0.07
CA GLN A 321 -13.94 0.56 0.54
C GLN A 321 -14.40 -0.32 -0.64
N PRO A 322 -15.14 -1.45 -0.38
CA PRO A 322 -15.30 -2.48 -1.44
C PRO A 322 -16.15 -2.14 -2.66
N THR A 323 -16.19 -3.10 -3.61
CA THR A 323 -17.02 -3.07 -4.80
C THR A 323 -18.17 -4.08 -4.71
N GLU A 324 -18.91 -4.20 -5.81
CA GLU A 324 -19.82 -5.31 -6.04
C GLU A 324 -19.00 -6.51 -6.53
N SER A 325 -19.66 -7.63 -6.78
CA SER A 325 -18.96 -8.82 -7.23
C SER A 325 -19.91 -9.67 -8.06
N ILE A 326 -19.55 -10.93 -8.31
CA ILE A 326 -20.40 -11.88 -9.01
C ILE A 326 -21.49 -12.34 -8.05
N VAL A 327 -22.52 -13.00 -8.58
CA VAL A 327 -23.84 -12.98 -7.98
C VAL A 327 -24.17 -14.23 -7.15
N ARG A 328 -23.17 -14.84 -6.52
CA ARG A 328 -23.47 -15.94 -5.62
C ARG A 328 -23.77 -15.42 -4.20
N PHE A 329 -24.63 -16.14 -3.48
CA PHE A 329 -25.25 -15.61 -2.26
C PHE A 329 -25.55 -16.70 -1.23
N PRO A 330 -25.17 -16.47 0.04
CA PRO A 330 -25.03 -17.57 1.01
C PRO A 330 -26.28 -18.30 1.49
N ASN A 331 -27.14 -17.57 2.22
CA ASN A 331 -28.38 -18.04 2.86
C ASN A 331 -28.32 -19.50 3.34
N ILE A 332 -27.31 -19.82 4.16
CA ILE A 332 -27.20 -21.14 4.80
C ILE A 332 -26.55 -21.04 6.16
N THR A 333 -27.32 -21.37 7.21
CA THR A 333 -26.75 -21.39 8.55
C THR A 333 -26.86 -22.80 9.12
N ASN A 334 -25.84 -23.20 9.86
CA ASN A 334 -25.80 -24.48 10.54
C ASN A 334 -25.80 -24.28 12.05
N LEU A 335 -25.81 -25.39 12.79
CA LEU A 335 -25.96 -25.38 14.24
C LEU A 335 -25.05 -26.42 14.87
N CYS A 336 -24.86 -26.29 16.19
CA CYS A 336 -24.09 -27.21 17.01
C CYS A 336 -24.33 -26.87 18.47
N PRO A 337 -24.47 -27.88 19.35
CA PRO A 337 -24.85 -27.59 20.74
C PRO A 337 -23.68 -27.21 21.64
N PHE A 338 -23.15 -25.99 21.46
CA PHE A 338 -22.09 -25.53 22.35
C PHE A 338 -22.63 -25.14 23.71
N GLY A 339 -23.91 -24.77 23.78
CA GLY A 339 -24.46 -24.18 24.98
C GLY A 339 -24.14 -24.93 26.26
N GLU A 340 -24.13 -26.26 26.21
CA GLU A 340 -23.86 -27.04 27.40
C GLU A 340 -22.51 -26.66 28.01
N VAL A 341 -21.55 -26.28 27.17
CA VAL A 341 -20.24 -25.92 27.67
C VAL A 341 -20.32 -24.79 28.70
N PHE A 342 -21.28 -23.89 28.53
CA PHE A 342 -21.40 -22.76 29.45
C PHE A 342 -22.78 -22.64 30.08
N ASN A 343 -23.81 -23.25 29.49
CA ASN A 343 -25.16 -23.11 30.00
C ASN A 343 -25.69 -24.38 30.65
N ALA A 344 -24.86 -25.42 30.81
CA ALA A 344 -25.32 -26.63 31.47
C ALA A 344 -25.53 -26.35 32.95
N THR A 345 -26.75 -25.98 33.33
CA THR A 345 -27.04 -25.48 34.66
C THR A 345 -26.63 -26.44 35.77
N ARG A 346 -26.19 -27.65 35.43
CA ARG A 346 -25.62 -28.59 36.38
C ARG A 346 -24.19 -28.87 35.91
N PHE A 347 -23.25 -28.03 36.34
CA PHE A 347 -21.85 -28.23 35.99
C PHE A 347 -21.15 -29.11 37.02
N ALA A 348 -19.86 -29.33 36.83
CA ALA A 348 -19.05 -30.19 37.66
C ALA A 348 -18.44 -29.41 38.82
N SER A 349 -18.02 -30.13 39.85
CA SER A 349 -17.39 -29.53 41.01
C SER A 349 -15.98 -29.06 40.64
N VAL A 350 -15.44 -28.17 41.46
CA VAL A 350 -14.14 -27.60 41.19
C VAL A 350 -13.07 -28.68 41.21
N TYR A 351 -13.24 -29.68 42.07
CA TYR A 351 -12.37 -30.85 42.04
C TYR A 351 -12.38 -31.51 40.67
N ALA A 352 -13.51 -32.06 40.27
CA ALA A 352 -13.60 -32.82 39.03
C ALA A 352 -13.92 -31.88 37.87
N TRP A 353 -12.94 -31.05 37.55
CA TRP A 353 -13.13 -30.10 36.46
C TRP A 353 -13.43 -30.83 35.16
N ASN A 354 -14.67 -30.69 34.71
CA ASN A 354 -15.17 -31.39 33.55
C ASN A 354 -14.40 -30.95 32.31
N ARG A 355 -14.23 -31.89 31.38
CA ARG A 355 -13.28 -31.74 30.27
C ARG A 355 -13.99 -32.08 28.96
N LYS A 356 -14.40 -31.06 28.22
CA LYS A 356 -14.96 -31.24 26.90
C LYS A 356 -14.32 -30.32 25.86
N ARG A 357 -14.16 -30.87 24.66
CA ARG A 357 -13.93 -30.14 23.43
C ARG A 357 -15.06 -30.50 22.48
N ILE A 358 -15.41 -29.60 21.57
CA ILE A 358 -16.65 -29.71 20.82
C ILE A 358 -16.39 -29.46 19.35
N SER A 359 -17.43 -29.66 18.53
CA SER A 359 -17.39 -29.66 17.08
C SER A 359 -17.37 -28.24 16.52
N ASN A 360 -17.63 -28.14 15.22
CA ASN A 360 -17.65 -26.83 14.57
C ASN A 360 -18.85 -26.04 15.07
N CYS A 361 -18.63 -25.27 16.13
CA CYS A 361 -19.63 -24.42 16.74
C CYS A 361 -18.98 -23.48 17.75
N VAL A 362 -19.39 -22.22 17.70
CA VAL A 362 -18.65 -21.13 18.32
C VAL A 362 -19.70 -20.19 18.93
N ALA A 363 -19.26 -19.18 19.65
CA ALA A 363 -20.13 -18.08 20.01
C ALA A 363 -19.50 -16.80 19.44
N ASP A 364 -20.34 -15.85 19.07
CA ASP A 364 -19.88 -14.55 18.60
C ASP A 364 -19.30 -13.83 19.79
N TYR A 365 -18.09 -14.22 20.19
CA TYR A 365 -17.50 -13.81 21.46
C TYR A 365 -17.49 -12.30 21.63
N SER A 366 -17.83 -11.55 20.57
CA SER A 366 -18.26 -10.18 20.75
C SER A 366 -19.54 -10.10 21.58
N VAL A 367 -20.51 -10.97 21.31
CA VAL A 367 -21.74 -10.95 22.11
C VAL A 367 -21.46 -11.48 23.50
N LEU A 368 -20.40 -12.28 23.66
CA LEU A 368 -19.93 -12.64 24.99
C LEU A 368 -19.19 -11.48 25.64
N TYR A 369 -18.48 -10.68 24.84
CA TYR A 369 -17.78 -9.53 25.38
C TYR A 369 -18.76 -8.48 25.89
N ASN A 370 -19.75 -8.11 25.07
CA ASN A 370 -20.68 -7.04 25.41
C ASN A 370 -21.89 -7.53 26.21
N SER A 371 -21.78 -8.65 26.90
CA SER A 371 -22.88 -9.17 27.71
C SER A 371 -22.66 -8.85 29.18
N ALA A 372 -23.71 -8.36 29.83
CA ALA A 372 -23.66 -8.12 31.27
C ALA A 372 -24.00 -9.36 32.06
N SER A 373 -24.37 -10.45 31.39
CA SER A 373 -24.63 -11.70 32.09
C SER A 373 -23.39 -12.22 32.81
N PHE A 374 -22.21 -11.95 32.27
CA PHE A 374 -20.95 -12.37 32.88
C PHE A 374 -20.52 -11.30 33.86
N SER A 375 -20.59 -11.62 35.16
CA SER A 375 -20.17 -10.66 36.18
C SER A 375 -18.66 -10.49 36.19
N THR A 376 -17.94 -11.42 35.58
CA THR A 376 -16.48 -11.33 35.47
C THR A 376 -16.07 -11.74 34.06
N PHE A 377 -15.69 -10.77 33.24
CA PHE A 377 -15.23 -11.02 31.88
C PHE A 377 -13.75 -10.68 31.87
N LYS A 378 -12.93 -11.64 32.28
CA LYS A 378 -11.50 -11.42 32.48
C LYS A 378 -10.71 -12.22 31.46
N CYS A 379 -9.76 -11.55 30.80
CA CYS A 379 -9.02 -12.14 29.70
C CYS A 379 -7.53 -11.94 29.93
N TYR A 380 -6.77 -13.03 29.94
CA TYR A 380 -5.33 -12.98 30.14
C TYR A 380 -4.59 -13.23 28.83
N GLY A 381 -4.34 -12.16 28.08
CA GLY A 381 -3.54 -12.29 26.88
C GLY A 381 -4.17 -11.69 25.65
N VAL A 382 -5.47 -11.85 25.48
CA VAL A 382 -6.18 -11.26 24.34
C VAL A 382 -7.14 -10.20 24.87
N SER A 383 -7.00 -9.00 24.33
CA SER A 383 -7.95 -7.94 24.66
C SER A 383 -9.31 -8.31 24.06
N PRO A 384 -10.41 -8.12 24.80
CA PRO A 384 -11.72 -8.54 24.28
C PRO A 384 -12.17 -7.77 23.04
N THR A 385 -11.34 -6.85 22.53
CA THR A 385 -11.69 -6.09 21.33
C THR A 385 -10.89 -6.61 20.14
N LYS A 386 -10.69 -7.92 20.10
CA LYS A 386 -9.95 -8.59 19.03
C LYS A 386 -10.78 -9.78 18.54
N LEU A 387 -12.04 -9.49 18.19
CA LEU A 387 -13.11 -10.48 18.18
C LEU A 387 -13.20 -11.38 16.94
N ASN A 388 -13.12 -10.81 15.73
CA ASN A 388 -13.32 -11.61 14.52
C ASN A 388 -12.22 -12.63 14.22
N ASP A 389 -10.99 -12.16 13.96
CA ASP A 389 -9.91 -13.09 13.62
C ASP A 389 -9.42 -13.88 14.82
N LEU A 390 -10.29 -14.72 15.40
CA LEU A 390 -9.86 -15.65 16.42
C LEU A 390 -10.19 -17.08 15.99
N CYS A 391 -9.25 -17.71 15.30
CA CYS A 391 -9.30 -19.14 15.01
C CYS A 391 -8.20 -19.82 15.81
N PHE A 392 -8.58 -20.45 16.92
CA PHE A 392 -7.65 -21.03 17.89
C PHE A 392 -7.65 -22.55 17.78
N THR A 393 -6.45 -23.12 17.68
CA THR A 393 -6.27 -24.54 17.36
C THR A 393 -6.96 -25.46 18.36
N ASN A 394 -6.52 -25.46 19.62
CA ASN A 394 -7.09 -26.34 20.62
C ASN A 394 -7.59 -25.54 21.80
N VAL A 395 -8.83 -25.83 22.22
CA VAL A 395 -9.47 -25.20 23.36
C VAL A 395 -9.99 -26.29 24.27
N TYR A 396 -9.51 -26.31 25.52
CA TYR A 396 -9.90 -27.32 26.49
C TYR A 396 -10.76 -26.68 27.57
N ALA A 397 -12.04 -27.03 27.57
CA ALA A 397 -13.00 -26.44 28.49
C ALA A 397 -12.94 -27.16 29.83
N ASP A 398 -12.73 -26.39 30.90
CA ASP A 398 -12.47 -26.94 32.22
C ASP A 398 -13.38 -26.19 33.20
N SER A 399 -14.48 -26.82 33.57
CA SER A 399 -15.52 -26.18 34.37
C SER A 399 -15.36 -26.50 35.85
N PHE A 400 -15.73 -25.55 36.70
CA PHE A 400 -15.48 -25.70 38.13
C PHE A 400 -16.14 -24.58 38.91
N VAL A 401 -16.58 -24.90 40.14
CA VAL A 401 -17.21 -23.93 41.03
C VAL A 401 -16.14 -23.11 41.72
N ILE A 402 -16.54 -21.98 42.31
CA ILE A 402 -15.60 -21.04 42.92
C ILE A 402 -16.10 -20.66 44.31
N ARG A 403 -15.16 -20.12 45.10
CA ARG A 403 -15.53 -19.41 46.32
C ARG A 403 -15.85 -17.95 45.99
N GLY A 404 -16.59 -17.30 46.88
CA GLY A 404 -17.06 -15.95 46.60
C GLY A 404 -15.95 -14.93 46.49
N ASP A 405 -14.78 -15.23 47.06
CA ASP A 405 -13.68 -14.27 47.07
C ASP A 405 -12.47 -14.70 46.26
N GLU A 406 -12.59 -15.74 45.43
CA GLU A 406 -11.46 -16.27 44.69
C GLU A 406 -11.33 -15.67 43.29
N VAL A 407 -12.23 -14.76 42.91
CA VAL A 407 -12.24 -14.22 41.56
C VAL A 407 -10.89 -13.60 41.21
N ARG A 408 -10.32 -12.82 42.13
CA ARG A 408 -8.98 -12.27 41.90
C ARG A 408 -7.96 -13.39 41.78
N GLN A 409 -8.09 -14.43 42.59
CA GLN A 409 -7.15 -15.55 42.58
C GLN A 409 -7.15 -16.30 41.26
N ILE A 410 -8.14 -16.06 40.40
CA ILE A 410 -8.13 -16.66 39.07
C ILE A 410 -7.14 -15.88 38.23
N ALA A 411 -5.91 -16.38 38.15
CA ALA A 411 -4.89 -15.82 37.29
C ALA A 411 -3.79 -16.87 37.13
N PRO A 412 -3.25 -17.00 35.92
CA PRO A 412 -2.22 -18.02 35.70
C PRO A 412 -1.02 -17.82 36.61
N GLY A 413 -0.49 -18.94 37.12
CA GLY A 413 0.65 -18.88 38.00
C GLY A 413 0.43 -18.12 39.29
N GLN A 414 -0.80 -18.13 39.81
CA GLN A 414 -1.12 -17.42 41.03
C GLN A 414 -0.50 -18.08 42.26
N THR A 415 -0.76 -17.48 43.42
CA THR A 415 -0.31 -17.99 44.70
C THR A 415 -1.50 -18.09 45.64
N GLY A 416 -1.63 -19.24 46.28
CA GLY A 416 -2.73 -19.50 47.20
C GLY A 416 -3.02 -20.98 47.29
N LYS A 417 -4.09 -21.30 48.03
CA LYS A 417 -4.45 -22.70 48.23
C LYS A 417 -5.02 -23.32 46.96
N ILE A 418 -6.17 -22.83 46.53
CA ILE A 418 -6.88 -23.43 45.40
C ILE A 418 -6.16 -23.18 44.07
N ALA A 419 -5.57 -22.00 43.89
CA ALA A 419 -5.02 -21.62 42.59
C ALA A 419 -4.02 -22.63 42.07
N ASP A 420 -3.16 -23.15 42.94
CA ASP A 420 -2.23 -24.21 42.55
C ASP A 420 -2.56 -25.54 43.20
N TYR A 421 -3.65 -25.64 43.94
CA TYR A 421 -4.00 -26.88 44.62
C TYR A 421 -5.37 -27.40 44.23
N ASN A 422 -6.07 -26.73 43.32
CA ASN A 422 -7.23 -27.34 42.67
C ASN A 422 -7.25 -27.22 41.16
N TYR A 423 -6.72 -26.14 40.58
CA TYR A 423 -6.51 -26.08 39.13
C TYR A 423 -5.55 -24.92 38.88
N LYS A 424 -4.35 -25.24 38.39
CA LYS A 424 -3.33 -24.23 38.16
C LYS A 424 -3.25 -23.83 36.69
N LEU A 425 -3.47 -22.59 36.44
CA LEU A 425 -2.97 -22.17 35.14
C LEU A 425 -1.49 -21.84 35.24
N PRO A 426 -0.65 -22.43 34.41
CA PRO A 426 0.79 -22.25 34.54
C PRO A 426 1.21 -20.83 34.20
N ASP A 427 2.54 -20.62 34.22
CA ASP A 427 3.11 -19.30 33.93
C ASP A 427 3.04 -19.03 32.42
N ASP A 428 1.80 -18.91 31.93
CA ASP A 428 1.55 -18.55 30.54
C ASP A 428 0.15 -17.96 30.44
N PHE A 429 -0.09 -17.24 29.35
CA PHE A 429 -1.35 -16.51 29.21
C PHE A 429 -2.50 -17.47 28.99
N THR A 430 -3.70 -17.06 29.41
CA THR A 430 -4.92 -17.84 29.24
C THR A 430 -5.96 -16.88 28.65
N GLY A 431 -6.30 -17.11 27.39
CA GLY A 431 -7.05 -16.15 26.58
C GLY A 431 -8.16 -15.39 27.28
N CYS A 432 -9.18 -16.10 27.75
CA CYS A 432 -10.26 -15.47 28.50
C CYS A 432 -10.80 -16.48 29.49
N VAL A 433 -11.02 -16.04 30.72
CA VAL A 433 -11.63 -16.86 31.76
C VAL A 433 -12.88 -16.12 32.23
N ILE A 434 -14.04 -16.75 32.07
CA ILE A 434 -15.32 -16.05 32.05
C ILE A 434 -16.17 -16.55 33.21
N ALA A 435 -16.63 -15.63 34.06
CA ALA A 435 -17.32 -15.98 35.30
C ALA A 435 -18.51 -15.07 35.54
N TRP A 436 -19.45 -15.56 36.35
CA TRP A 436 -20.64 -14.79 36.72
C TRP A 436 -21.31 -15.49 37.90
N ASN A 437 -21.91 -14.69 38.78
CA ASN A 437 -22.60 -15.25 39.93
C ASN A 437 -23.89 -15.92 39.49
N SER A 438 -24.15 -17.10 40.06
CA SER A 438 -25.32 -17.89 39.71
C SER A 438 -25.97 -18.48 40.96
N ASN A 439 -26.14 -17.64 41.97
CA ASN A 439 -26.83 -18.10 43.18
C ASN A 439 -28.32 -18.28 42.99
N ASN A 440 -28.84 -18.11 41.77
CA ASN A 440 -30.24 -18.36 41.47
C ASN A 440 -30.45 -19.73 40.85
N LEU A 441 -29.64 -20.08 39.84
CA LEU A 441 -29.78 -21.37 39.18
C LEU A 441 -29.07 -22.46 39.97
N ASP A 442 -28.15 -22.08 40.87
CA ASP A 442 -27.44 -23.05 41.68
C ASP A 442 -27.82 -22.98 43.15
N SER A 443 -27.60 -21.83 43.79
CA SER A 443 -27.86 -21.74 45.22
C SER A 443 -29.35 -21.87 45.50
N LYS A 444 -29.69 -22.72 46.45
CA LYS A 444 -31.06 -23.04 46.83
C LYS A 444 -31.36 -22.52 48.22
N VAL A 445 -32.66 -22.45 48.55
CA VAL A 445 -33.08 -21.93 49.84
C VAL A 445 -32.47 -22.73 50.97
N GLY A 446 -32.32 -24.04 50.79
CA GLY A 446 -31.57 -24.85 51.74
C GLY A 446 -30.07 -24.71 51.56
N GLY A 447 -29.67 -24.02 50.49
CA GLY A 447 -28.27 -23.86 50.14
C GLY A 447 -27.76 -24.93 49.19
N ASN A 448 -27.26 -24.55 48.01
CA ASN A 448 -26.62 -25.52 47.13
C ASN A 448 -25.38 -26.06 47.82
N TYR A 449 -25.23 -27.38 47.74
CA TYR A 449 -24.70 -28.15 48.86
C TYR A 449 -23.75 -29.24 48.38
N ASN A 450 -23.27 -29.15 47.13
CA ASN A 450 -22.69 -30.28 46.40
C ASN A 450 -21.29 -30.01 45.86
N TYR A 451 -20.46 -29.27 46.57
CA TYR A 451 -19.16 -28.92 46.00
C TYR A 451 -18.10 -28.87 47.10
N LEU A 452 -16.83 -28.90 46.69
CA LEU A 452 -15.76 -29.15 47.65
C LEU A 452 -14.61 -28.19 47.39
N TYR A 453 -13.53 -28.34 48.15
CA TYR A 453 -12.31 -27.58 47.92
C TYR A 453 -11.15 -28.29 48.60
N ARG A 454 -10.11 -28.62 47.83
CA ARG A 454 -8.90 -29.22 48.36
C ARG A 454 -7.86 -28.13 48.64
N LEU A 455 -7.49 -27.97 49.91
CA LEU A 455 -6.76 -26.77 50.31
C LEU A 455 -5.26 -26.84 50.04
N PHE A 456 -4.52 -27.65 50.82
CA PHE A 456 -3.07 -27.66 50.67
C PHE A 456 -2.42 -29.01 51.00
N ARG A 457 -3.12 -30.13 50.77
CA ARG A 457 -2.68 -31.42 51.33
C ARG A 457 -2.64 -32.50 50.26
N LYS A 458 -1.99 -32.23 49.13
CA LYS A 458 -2.05 -33.13 47.99
C LYS A 458 -0.75 -33.03 47.19
N SER A 459 -0.80 -33.50 45.95
CA SER A 459 0.36 -33.73 45.11
C SER A 459 0.88 -32.47 44.43
N ASN A 460 0.45 -31.29 44.87
CA ASN A 460 1.00 -30.00 44.45
C ASN A 460 0.63 -29.64 43.02
N LEU A 461 -0.03 -30.55 42.31
CA LEU A 461 -0.88 -30.21 41.16
C LEU A 461 -0.12 -29.43 40.08
N LYS A 462 0.78 -30.14 39.41
CA LYS A 462 1.29 -29.66 38.13
C LYS A 462 0.12 -29.15 37.28
N PRO A 463 0.32 -28.08 36.50
CA PRO A 463 -0.82 -27.47 35.80
C PRO A 463 -1.50 -28.43 34.84
N PHE A 464 -2.79 -28.20 34.61
CA PHE A 464 -3.62 -29.04 33.75
C PHE A 464 -3.60 -30.49 34.23
N GLU A 465 -4.05 -30.70 35.46
CA GLU A 465 -4.07 -32.01 36.10
C GLU A 465 -5.39 -32.20 36.84
N ARG A 466 -6.15 -33.22 36.47
CA ARG A 466 -7.40 -33.51 37.19
C ARG A 466 -7.19 -34.71 38.10
N ASP A 467 -6.56 -34.49 39.25
CA ASP A 467 -6.29 -35.55 40.20
C ASP A 467 -7.60 -35.97 40.83
N ILE A 468 -8.18 -37.05 40.31
CA ILE A 468 -9.42 -37.59 40.85
C ILE A 468 -9.12 -38.66 41.89
N SER A 469 -7.84 -38.87 42.20
CA SER A 469 -7.44 -39.87 43.17
C SER A 469 -7.81 -39.44 44.57
N THR A 470 -8.16 -40.43 45.40
CA THR A 470 -8.42 -40.20 46.81
C THR A 470 -7.12 -40.33 47.59
N GLU A 471 -6.56 -39.19 47.98
CA GLU A 471 -5.31 -39.16 48.74
C GLU A 471 -5.59 -39.21 50.25
N ILE A 472 -5.86 -40.41 50.73
CA ILE A 472 -6.07 -40.59 52.16
C ILE A 472 -4.80 -40.26 52.94
N TYR A 473 -3.65 -40.74 52.44
CA TYR A 473 -2.37 -40.52 53.08
C TYR A 473 -1.41 -39.90 52.06
N GLN A 474 -0.38 -39.24 52.58
CA GLN A 474 0.79 -38.89 51.79
C GLN A 474 1.98 -39.80 52.07
N ALA A 475 2.16 -40.21 53.33
CA ALA A 475 3.17 -41.19 53.69
C ALA A 475 2.65 -42.31 54.58
N GLY A 476 1.60 -42.07 55.37
CA GLY A 476 0.99 -43.11 56.18
C GLY A 476 1.69 -43.37 57.49
N SER A 477 2.84 -42.72 57.70
CA SER A 477 3.56 -42.81 58.97
C SER A 477 4.09 -41.49 59.49
N THR A 478 4.30 -40.48 58.65
CA THR A 478 4.95 -39.26 59.10
C THR A 478 4.07 -38.48 60.06
N PRO A 479 4.66 -37.83 61.07
CA PRO A 479 3.86 -37.02 61.99
C PRO A 479 3.22 -35.80 61.34
N CYS A 480 3.70 -35.36 60.18
CA CYS A 480 3.21 -34.14 59.55
C CYS A 480 1.72 -34.27 59.22
N ASN A 481 1.39 -35.14 58.26
CA ASN A 481 0.00 -35.55 58.07
C ASN A 481 -0.18 -37.04 58.31
N GLY A 482 0.49 -37.90 57.54
CA GLY A 482 0.69 -39.31 57.84
C GLY A 482 -0.41 -40.05 58.57
N VAL A 483 -0.03 -40.71 59.66
CA VAL A 483 -0.99 -41.35 60.56
C VAL A 483 -0.90 -40.83 61.99
N GLU A 484 0.24 -40.29 62.42
CA GLU A 484 0.40 -39.81 63.79
C GLU A 484 -0.10 -38.38 63.89
N GLY A 485 -0.80 -38.08 64.98
CA GLY A 485 -1.36 -36.75 65.18
C GLY A 485 -2.66 -36.56 64.44
N PHE A 486 -2.58 -36.39 63.13
CA PHE A 486 -3.76 -36.27 62.28
C PHE A 486 -3.97 -37.61 61.57
N ASN A 487 -5.10 -38.25 61.85
CA ASN A 487 -5.41 -39.55 61.29
C ASN A 487 -6.64 -39.55 60.40
N CYS A 488 -7.63 -38.70 60.70
CA CYS A 488 -8.89 -38.66 59.96
C CYS A 488 -8.91 -37.50 58.98
N TYR A 489 -7.77 -36.87 58.76
CA TYR A 489 -7.68 -35.74 57.84
C TYR A 489 -7.94 -36.22 56.43
N PHE A 490 -8.60 -35.39 55.64
CA PHE A 490 -8.93 -35.82 54.29
C PHE A 490 -9.01 -34.62 53.36
N PRO A 491 -8.34 -34.67 52.20
CA PRO A 491 -8.30 -33.49 51.32
C PRO A 491 -9.65 -33.04 50.81
N LEU A 492 -10.61 -33.95 50.66
CA LEU A 492 -11.89 -33.65 50.04
C LEU A 492 -12.74 -32.87 51.04
N GLN A 493 -12.38 -31.61 51.29
CA GLN A 493 -13.14 -30.73 52.16
C GLN A 493 -14.23 -30.06 51.33
N SER A 494 -15.49 -30.21 51.77
CA SER A 494 -16.63 -29.81 50.95
C SER A 494 -17.00 -28.35 51.17
N TYR A 495 -17.62 -27.74 50.16
CA TYR A 495 -17.93 -26.31 50.13
C TYR A 495 -19.45 -26.13 50.00
N GLY A 496 -20.01 -25.22 50.80
CA GLY A 496 -21.42 -24.89 50.73
C GLY A 496 -21.68 -23.40 50.74
N PHE A 497 -22.91 -23.01 50.36
CA PHE A 497 -23.27 -21.61 50.30
C PHE A 497 -24.79 -21.48 50.21
N GLN A 498 -25.26 -20.24 50.11
CA GLN A 498 -26.68 -19.88 50.07
C GLN A 498 -26.87 -18.75 49.06
N PRO A 499 -28.07 -18.64 48.48
CA PRO A 499 -28.30 -17.57 47.49
C PRO A 499 -28.08 -16.18 48.04
N THR A 500 -28.51 -15.93 49.28
CA THR A 500 -28.40 -14.64 49.93
C THR A 500 -27.40 -14.80 51.07
N ASN A 501 -26.12 -14.64 50.73
CA ASN A 501 -25.05 -14.81 51.70
C ASN A 501 -24.13 -13.60 51.69
N GLY A 502 -23.93 -13.02 50.51
CA GLY A 502 -23.07 -11.87 50.34
C GLY A 502 -21.73 -12.24 49.73
N VAL A 503 -20.93 -11.21 49.52
CA VAL A 503 -19.60 -11.39 48.94
C VAL A 503 -18.73 -12.19 49.90
N GLY A 504 -17.91 -13.08 49.34
CA GLY A 504 -17.06 -13.94 50.13
C GLY A 504 -17.35 -15.41 49.92
N TYR A 505 -18.62 -15.73 49.66
CA TYR A 505 -19.04 -17.10 49.41
C TYR A 505 -20.11 -17.16 48.31
N GLN A 506 -20.15 -16.15 47.45
CA GLN A 506 -21.09 -16.14 46.34
C GLN A 506 -20.60 -17.04 45.23
N PRO A 507 -21.36 -18.05 44.83
CA PRO A 507 -20.87 -19.00 43.81
C PRO A 507 -20.96 -18.44 42.40
N TYR A 508 -19.80 -18.11 41.84
CA TYR A 508 -19.72 -17.60 40.48
C TYR A 508 -19.48 -18.78 39.56
N ARG A 509 -20.16 -18.80 38.40
CA ARG A 509 -19.99 -19.89 37.45
C ARG A 509 -18.69 -19.67 36.67
N VAL A 510 -17.70 -20.53 36.91
CA VAL A 510 -16.33 -20.26 36.48
C VAL A 510 -15.82 -21.44 35.66
N VAL A 511 -15.10 -21.14 34.58
CA VAL A 511 -14.49 -22.13 33.71
C VAL A 511 -13.06 -21.71 33.42
N VAL A 512 -12.39 -22.47 32.57
CA VAL A 512 -11.07 -22.11 32.05
C VAL A 512 -11.07 -22.33 30.55
N LEU A 513 -10.62 -21.33 29.79
CA LEU A 513 -10.50 -21.43 28.35
C LEU A 513 -9.02 -21.29 27.97
N SER A 514 -8.36 -22.41 27.77
CA SER A 514 -6.95 -22.44 27.43
C SER A 514 -6.79 -22.73 25.94
N PHE A 515 -5.89 -22.00 25.28
CA PHE A 515 -5.71 -22.12 23.85
C PHE A 515 -4.33 -22.69 23.52
N GLU A 516 -4.19 -23.16 22.29
CA GLU A 516 -2.92 -23.60 21.73
C GLU A 516 -2.64 -22.70 20.53
N LEU A 517 -1.61 -23.02 19.75
CA LEU A 517 -1.15 -22.16 18.67
C LEU A 517 -0.27 -22.96 17.72
N LEU A 518 0.05 -22.34 16.58
CA LEU A 518 1.09 -22.79 15.66
C LEU A 518 0.68 -23.99 14.82
N HIS A 519 -0.62 -24.31 14.78
CA HIS A 519 -1.10 -25.39 13.91
C HIS A 519 -2.50 -25.12 13.38
N ALA A 520 -2.63 -24.45 12.23
CA ALA A 520 -3.96 -24.31 11.65
C ALA A 520 -3.98 -24.07 10.14
N PRO A 521 -3.37 -24.93 9.31
CA PRO A 521 -3.54 -24.78 7.86
C PRO A 521 -4.90 -25.29 7.42
N ALA A 522 -5.64 -24.44 6.71
CA ALA A 522 -6.98 -24.82 6.29
C ALA A 522 -7.47 -23.93 5.16
N THR A 523 -8.77 -24.04 4.85
CA THR A 523 -9.49 -23.00 4.12
C THR A 523 -10.90 -22.80 4.67
N VAL A 524 -11.29 -23.51 5.73
CA VAL A 524 -12.66 -23.45 6.22
C VAL A 524 -12.68 -22.77 7.59
N CYS A 525 -11.80 -21.80 7.78
CA CYS A 525 -12.24 -20.56 8.42
C CYS A 525 -12.60 -19.59 7.30
N GLY A 526 -13.26 -20.07 6.25
CA GLY A 526 -14.30 -19.30 5.62
C GLY A 526 -15.34 -20.18 4.96
N PRO A 527 -16.49 -20.29 5.61
CA PRO A 527 -17.67 -20.89 4.97
C PRO A 527 -18.64 -19.82 4.49
N LYS A 528 -18.16 -18.88 3.68
CA LYS A 528 -18.81 -17.58 3.71
C LYS A 528 -19.06 -17.07 2.30
N LYS A 529 -19.85 -16.00 2.20
CA LYS A 529 -20.40 -15.53 0.94
C LYS A 529 -20.91 -14.10 1.09
N SER A 530 -21.80 -13.67 0.19
CA SER A 530 -22.50 -12.41 0.34
C SER A 530 -21.60 -11.17 0.27
N THR A 531 -21.02 -10.93 -0.89
CA THR A 531 -20.52 -9.59 -1.18
C THR A 531 -21.66 -8.59 -0.96
N ASN A 532 -21.40 -7.52 -0.21
CA ASN A 532 -22.43 -6.56 0.12
C ASN A 532 -21.87 -5.15 0.01
N LEU A 533 -22.65 -4.18 0.47
CA LEU A 533 -22.12 -2.85 0.75
C LEU A 533 -21.72 -2.82 2.23
N VAL A 534 -22.69 -2.99 3.11
CA VAL A 534 -22.46 -3.28 4.52
C VAL A 534 -23.79 -3.64 5.16
N LYS A 535 -23.76 -4.55 6.14
CA LYS A 535 -24.95 -4.80 6.95
C LYS A 535 -24.54 -4.86 8.44
N ASN A 536 -24.36 -3.68 9.04
CA ASN A 536 -24.62 -3.37 10.45
C ASN A 536 -24.08 -1.97 10.76
N LYS A 537 -24.26 -1.49 11.98
CA LYS A 537 -23.80 -0.17 12.39
C LYS A 537 -22.27 -0.07 12.28
N CYS A 538 -21.78 1.16 12.44
CA CYS A 538 -20.37 1.48 12.19
C CYS A 538 -19.43 0.77 13.16
N VAL A 539 -19.92 0.40 14.34
CA VAL A 539 -19.04 -0.16 15.35
C VAL A 539 -18.64 -1.59 14.97
N ASN A 540 -17.34 -1.88 15.18
CA ASN A 540 -16.75 -3.22 15.19
C ASN A 540 -17.33 -4.15 14.13
N PHE A 541 -17.20 -3.79 12.86
CA PHE A 541 -17.49 -4.76 11.82
C PHE A 541 -16.40 -5.82 11.91
N ASN A 542 -15.19 -5.36 11.63
CA ASN A 542 -14.00 -6.18 11.61
C ASN A 542 -12.84 -5.42 12.27
N PHE A 543 -12.68 -5.62 13.57
CA PHE A 543 -11.54 -5.03 14.26
C PHE A 543 -10.37 -6.00 14.15
N ASN A 544 -10.07 -6.38 12.92
CA ASN A 544 -9.01 -7.32 12.59
C ASN A 544 -8.65 -7.17 11.11
N GLY A 545 -7.47 -7.67 10.75
CA GLY A 545 -6.65 -6.94 9.81
C GLY A 545 -6.04 -5.76 10.54
N LEU A 546 -5.16 -6.03 11.49
CA LEU A 546 -5.03 -5.32 12.77
C LEU A 546 -5.16 -3.80 12.63
N THR A 547 -5.78 -3.23 13.67
CA THR A 547 -6.29 -1.86 13.80
C THR A 547 -7.64 -1.73 13.10
N GLY A 548 -8.02 -2.76 12.34
CA GLY A 548 -9.41 -3.07 12.06
C GLY A 548 -10.18 -2.12 11.15
N THR A 549 -11.07 -2.72 10.36
CA THR A 549 -12.19 -2.11 9.64
C THR A 549 -12.86 -3.27 8.92
N GLY A 550 -14.13 -3.14 8.53
CA GLY A 550 -14.75 -4.23 7.79
C GLY A 550 -16.24 -4.06 7.55
N VAL A 551 -16.91 -5.21 7.38
CA VAL A 551 -18.34 -5.33 7.11
C VAL A 551 -18.82 -6.58 7.85
N LEU A 552 -20.13 -6.74 8.02
CA LEU A 552 -20.71 -7.98 8.52
C LEU A 552 -22.00 -8.38 7.80
N THR A 553 -22.16 -9.70 7.63
CA THR A 553 -23.29 -10.36 6.97
C THR A 553 -23.26 -11.85 7.32
N GLU A 554 -23.97 -12.71 6.57
CA GLU A 554 -24.16 -14.11 6.95
C GLU A 554 -23.47 -15.07 5.97
N SER A 555 -23.17 -16.28 6.47
CA SER A 555 -22.36 -17.30 5.78
C SER A 555 -23.16 -18.55 5.38
N ASN A 556 -22.53 -19.58 4.76
CA ASN A 556 -23.35 -20.55 4.02
C ASN A 556 -22.88 -22.01 3.97
N LYS A 557 -22.21 -22.59 4.97
CA LYS A 557 -21.75 -23.95 4.72
C LYS A 557 -21.89 -24.91 5.91
N LYS A 558 -21.55 -26.18 5.63
CA LYS A 558 -21.66 -27.34 6.52
C LYS A 558 -20.35 -27.58 7.24
N PHE A 559 -20.32 -28.58 8.14
CA PHE A 559 -19.21 -28.67 9.08
C PHE A 559 -19.01 -30.09 9.60
N LEU A 560 -17.97 -30.21 10.44
CA LEU A 560 -17.27 -31.42 10.86
C LEU A 560 -16.66 -31.23 12.25
N PRO A 561 -16.10 -32.27 12.88
CA PRO A 561 -15.82 -32.20 14.34
C PRO A 561 -14.80 -31.17 14.84
N PHE A 562 -13.90 -30.61 14.02
CA PHE A 562 -12.97 -29.61 14.55
C PHE A 562 -13.75 -28.38 15.02
N GLN A 563 -13.30 -27.77 16.12
CA GLN A 563 -13.77 -26.42 16.42
C GLN A 563 -12.72 -25.36 16.14
N GLN A 564 -13.15 -24.10 16.11
CA GLN A 564 -12.31 -22.96 16.50
C GLN A 564 -11.03 -22.64 15.75
N PHE A 565 -10.69 -23.28 14.63
CA PHE A 565 -9.44 -22.84 13.99
C PHE A 565 -9.40 -23.15 12.50
N GLY A 566 -8.72 -22.27 11.76
CA GLY A 566 -8.38 -22.42 10.37
C GLY A 566 -7.88 -21.10 9.84
N ARG A 567 -7.27 -21.12 8.65
CA ARG A 567 -6.82 -19.92 7.94
C ARG A 567 -7.33 -20.13 6.52
N ASP A 568 -7.78 -19.07 5.84
CA ASP A 568 -8.24 -19.28 4.47
C ASP A 568 -7.15 -19.89 3.60
N ILE A 569 -5.98 -19.25 3.53
CA ILE A 569 -4.76 -19.83 2.99
C ILE A 569 -3.59 -19.22 3.75
N ALA A 570 -2.84 -20.05 4.49
CA ALA A 570 -1.51 -19.69 4.98
C ALA A 570 -1.50 -18.35 5.71
N ASP A 571 -2.13 -18.34 6.90
CA ASP A 571 -2.21 -17.25 7.88
C ASP A 571 -3.26 -16.21 7.49
N THR A 572 -4.06 -16.45 6.47
CA THR A 572 -5.20 -15.57 6.16
C THR A 572 -6.33 -15.90 7.13
N THR A 573 -6.13 -15.51 8.38
CA THR A 573 -7.13 -15.72 9.43
C THR A 573 -8.38 -14.89 9.11
N ASP A 574 -9.54 -15.51 9.18
CA ASP A 574 -10.74 -14.86 8.66
C ASP A 574 -11.78 -14.56 9.73
N ALA A 575 -12.32 -15.57 10.39
CA ALA A 575 -13.44 -15.38 11.31
C ALA A 575 -13.70 -16.69 12.02
N VAL A 576 -14.58 -16.66 13.01
CA VAL A 576 -14.90 -17.87 13.75
C VAL A 576 -16.41 -18.10 13.57
N ARG A 577 -16.76 -19.26 13.03
CA ARG A 577 -18.03 -19.47 12.34
C ARG A 577 -19.16 -19.70 13.34
N ASP A 578 -20.39 -19.61 12.83
CA ASP A 578 -21.56 -19.74 13.69
C ASP A 578 -22.11 -21.15 13.75
N PRO A 579 -22.64 -21.55 14.91
CA PRO A 579 -23.84 -22.40 14.95
C PRO A 579 -25.12 -21.60 15.17
N GLN A 580 -25.01 -20.34 15.57
CA GLN A 580 -26.18 -19.47 15.68
C GLN A 580 -25.99 -18.10 15.04
N THR A 581 -24.78 -17.53 15.14
CA THR A 581 -24.55 -16.10 14.92
C THR A 581 -24.28 -15.71 13.47
N LEU A 582 -23.77 -14.51 13.22
CA LEU A 582 -23.55 -14.07 11.84
C LEU A 582 -22.09 -14.26 11.41
N GLU A 583 -21.15 -13.61 12.11
CA GLU A 583 -19.72 -13.95 12.12
C GLU A 583 -19.17 -14.28 10.74
N ILE A 584 -19.12 -13.28 9.86
CA ILE A 584 -18.58 -13.47 8.51
C ILE A 584 -17.37 -12.57 8.30
N LEU A 585 -16.33 -13.09 7.65
CA LEU A 585 -15.46 -12.21 6.90
C LEU A 585 -15.31 -12.53 5.42
N ASP A 586 -14.69 -13.67 5.08
CA ASP A 586 -14.14 -13.79 3.73
C ASP A 586 -13.45 -12.48 3.39
N ILE A 587 -12.31 -12.23 4.02
CA ILE A 587 -12.15 -11.10 4.92
C ILE A 587 -13.04 -9.94 4.48
N THR A 588 -13.97 -9.56 5.35
CA THR A 588 -14.64 -8.30 5.21
C THR A 588 -13.60 -7.20 5.31
N PRO A 589 -13.72 -6.18 4.48
CA PRO A 589 -12.54 -5.50 3.96
C PRO A 589 -11.68 -4.85 5.06
N CYS A 590 -10.37 -4.75 4.77
CA CYS A 590 -9.44 -3.77 5.38
C CYS A 590 -9.47 -2.43 4.63
N SER A 591 -10.63 -2.60 4.02
CA SER A 591 -11.47 -1.74 3.21
C SER A 591 -11.01 -1.58 1.76
N PHE A 592 -9.71 -1.61 1.47
CA PHE A 592 -9.06 -2.15 0.25
C PHE A 592 -7.84 -1.31 -0.08
N GLY A 593 -7.20 -1.61 -1.20
CA GLY A 593 -6.19 -0.71 -1.74
C GLY A 593 -6.59 -0.02 -3.04
N GLY A 594 -6.50 1.31 -3.06
CA GLY A 594 -6.62 2.09 -4.28
C GLY A 594 -6.69 3.59 -4.04
N VAL A 595 -5.84 4.34 -4.74
CA VAL A 595 -5.92 5.80 -4.85
C VAL A 595 -5.33 6.21 -6.18
N SER A 596 -6.11 6.91 -7.00
CA SER A 596 -5.69 7.18 -8.37
C SER A 596 -6.12 8.58 -8.83
N VAL A 597 -5.85 9.60 -8.02
CA VAL A 597 -6.28 10.96 -8.34
C VAL A 597 -5.89 11.35 -9.77
N ILE A 598 -6.86 11.93 -10.47
CA ILE A 598 -6.68 12.49 -11.81
C ILE A 598 -6.23 13.94 -11.67
N THR A 599 -5.19 14.32 -12.40
CA THR A 599 -4.84 15.72 -12.59
C THR A 599 -4.44 15.90 -14.04
N PRO A 600 -4.91 16.94 -14.69
CA PRO A 600 -4.51 17.20 -16.08
C PRO A 600 -3.32 18.13 -16.16
N GLY A 601 -2.95 18.75 -15.05
CA GLY A 601 -1.82 19.65 -15.03
C GLY A 601 -2.17 21.07 -14.63
N THR A 602 -1.42 21.63 -13.68
CA THR A 602 -1.66 23.01 -13.27
C THR A 602 -1.41 23.98 -14.42
N ASN A 603 -0.63 23.56 -15.42
CA ASN A 603 -0.29 24.43 -16.54
C ASN A 603 -1.53 24.84 -17.33
N THR A 604 -2.22 23.87 -17.95
CA THR A 604 -3.34 24.16 -18.83
C THR A 604 -4.69 23.83 -18.21
N SER A 605 -4.79 23.80 -16.89
CA SER A 605 -6.05 23.45 -16.24
C SER A 605 -5.94 23.78 -14.75
N ASN A 606 -7.11 23.86 -14.10
CA ASN A 606 -7.19 23.96 -12.65
C ASN A 606 -8.38 23.17 -12.09
N GLN A 607 -8.93 22.24 -12.88
CA GLN A 607 -10.07 21.43 -12.49
C GLN A 607 -9.62 20.01 -12.12
N VAL A 608 -10.32 19.41 -11.14
CA VAL A 608 -9.84 18.19 -10.51
C VAL A 608 -10.95 17.14 -10.43
N ALA A 609 -10.53 15.88 -10.34
CA ALA A 609 -11.35 14.75 -9.91
C ALA A 609 -10.45 13.73 -9.25
N VAL A 610 -11.04 12.61 -8.82
CA VAL A 610 -10.33 11.55 -8.12
C VAL A 610 -10.93 10.21 -8.51
N LEU A 611 -10.06 9.23 -8.81
CA LEU A 611 -10.45 7.84 -8.90
C LEU A 611 -10.22 7.15 -7.56
N TYR A 612 -11.11 6.22 -7.22
CA TYR A 612 -10.92 5.34 -6.07
C TYR A 612 -10.99 3.91 -6.60
N GLN A 613 -9.83 3.26 -6.76
CA GLN A 613 -9.81 1.93 -7.32
C GLN A 613 -10.59 0.95 -6.43
N ASP A 614 -11.51 0.22 -7.06
CA ASP A 614 -12.21 -0.90 -6.43
C ASP A 614 -13.03 -0.43 -5.22
N VAL A 615 -14.07 0.34 -5.53
CA VAL A 615 -15.00 0.95 -4.56
C VAL A 615 -16.44 0.81 -5.04
N ASN A 616 -17.35 0.55 -4.10
CA ASN A 616 -18.76 0.89 -4.30
C ASN A 616 -18.95 2.39 -4.14
N CYS A 617 -19.30 3.06 -5.23
CA CYS A 617 -19.38 4.51 -5.22
C CYS A 617 -20.48 5.06 -4.32
N THR A 618 -21.40 4.20 -3.87
CA THR A 618 -22.40 4.66 -2.91
C THR A 618 -21.85 4.67 -1.49
N GLU A 619 -20.62 4.17 -1.29
CA GLU A 619 -20.08 3.97 0.04
C GLU A 619 -19.06 5.04 0.44
N VAL A 620 -19.02 6.17 -0.26
CA VAL A 620 -18.12 7.28 0.06
C VAL A 620 -16.70 6.75 0.23
N PRO A 621 -16.02 6.44 -0.88
CA PRO A 621 -14.82 5.58 -0.85
C PRO A 621 -13.81 5.74 0.28
N VAL A 622 -13.24 6.92 0.51
CA VAL A 622 -12.16 7.05 1.49
C VAL A 622 -12.73 7.06 2.90
N ALA A 623 -12.43 6.01 3.67
CA ALA A 623 -12.62 5.99 5.12
C ALA A 623 -14.00 6.53 5.51
N ILE A 624 -15.03 5.74 5.17
CA ILE A 624 -16.31 6.24 4.69
C ILE A 624 -16.72 7.53 5.38
N HIS A 625 -16.95 8.55 4.58
CA HIS A 625 -17.23 9.92 5.01
C HIS A 625 -16.40 10.29 6.24
N ALA A 626 -15.08 10.16 6.08
CA ALA A 626 -14.17 10.50 7.17
C ALA A 626 -14.38 11.94 7.62
N ASP A 627 -14.35 12.87 6.66
CA ASP A 627 -14.77 14.27 6.81
C ASP A 627 -14.17 14.94 8.03
N GLN A 628 -13.15 14.31 8.63
CA GLN A 628 -12.42 14.87 9.75
C GLN A 628 -11.38 15.88 9.29
N LEU A 629 -11.44 16.29 8.04
CA LEU A 629 -10.47 17.15 7.38
C LEU A 629 -11.19 18.42 6.90
N THR A 630 -10.49 19.23 6.12
CA THR A 630 -11.09 20.46 5.62
C THR A 630 -12.22 20.14 4.65
N PRO A 631 -13.30 20.92 4.64
CA PRO A 631 -14.40 20.66 3.71
C PRO A 631 -13.99 20.90 2.26
N THR A 632 -13.99 19.84 1.46
CA THR A 632 -13.64 19.95 0.05
C THR A 632 -14.48 18.96 -0.74
N TRP A 633 -15.18 19.46 -1.75
CA TRP A 633 -16.11 18.67 -2.56
C TRP A 633 -15.53 17.32 -3.00
N ARG A 634 -14.22 17.26 -3.22
CA ARG A 634 -13.57 15.98 -3.53
C ARG A 634 -13.18 15.24 -2.26
N VAL A 635 -12.57 15.94 -1.31
CA VAL A 635 -12.23 15.29 -0.04
C VAL A 635 -13.48 14.94 0.75
N TYR A 636 -14.45 15.86 0.78
CA TYR A 636 -15.77 15.58 1.34
C TYR A 636 -16.63 14.97 0.24
N SER A 637 -16.56 13.64 0.14
CA SER A 637 -17.19 12.92 -0.95
C SER A 637 -18.72 12.97 -0.86
N THR A 638 -19.35 13.80 -1.68
CA THR A 638 -20.79 13.85 -1.77
C THR A 638 -21.29 14.07 -3.20
N GLY A 639 -20.39 14.07 -4.18
CA GLY A 639 -20.75 14.38 -5.55
C GLY A 639 -21.74 13.44 -6.18
N SER A 640 -22.76 13.99 -6.86
CA SER A 640 -23.63 13.18 -7.69
C SER A 640 -23.02 12.92 -9.06
N ASN A 641 -21.96 13.65 -9.41
CA ASN A 641 -21.28 13.50 -10.69
C ASN A 641 -20.23 12.39 -10.58
N VAL A 642 -20.72 11.15 -10.54
CA VAL A 642 -19.90 9.99 -10.25
C VAL A 642 -20.11 8.93 -11.33
N PHE A 643 -19.41 7.81 -11.16
CA PHE A 643 -19.58 6.65 -12.02
C PHE A 643 -18.89 5.47 -11.37
N GLN A 644 -19.33 4.26 -11.74
CA GLN A 644 -18.79 3.02 -11.22
C GLN A 644 -18.09 2.25 -12.34
N THR A 645 -16.77 2.20 -12.29
CA THR A 645 -15.98 1.40 -13.21
C THR A 645 -15.79 0.00 -12.63
N ARG A 646 -14.98 -0.81 -13.31
CA ARG A 646 -14.46 -2.01 -12.68
C ARG A 646 -13.54 -1.64 -11.52
N ALA A 647 -12.72 -0.62 -11.70
CA ALA A 647 -11.84 -0.13 -10.64
C ALA A 647 -12.48 0.99 -9.83
N GLY A 648 -13.70 0.74 -9.37
CA GLY A 648 -14.28 1.56 -8.32
C GLY A 648 -14.94 2.86 -8.76
N CYS A 649 -15.30 3.63 -7.73
CA CYS A 649 -15.99 4.90 -7.92
C CYS A 649 -15.10 5.94 -8.58
N LEU A 650 -15.75 6.90 -9.23
CA LEU A 650 -15.10 8.02 -9.89
C LEU A 650 -15.81 9.29 -9.39
N ILE A 651 -15.34 9.83 -8.28
CA ILE A 651 -16.10 10.85 -7.57
C ILE A 651 -16.30 12.10 -8.41
N GLY A 652 -15.27 12.53 -9.13
CA GLY A 652 -15.40 13.68 -9.99
C GLY A 652 -15.63 13.36 -11.45
N ALA A 653 -16.65 12.56 -11.76
CA ALA A 653 -16.82 12.06 -13.12
C ALA A 653 -18.08 12.63 -13.76
N GLU A 654 -18.17 12.46 -15.08
CA GLU A 654 -19.39 12.75 -15.82
C GLU A 654 -19.62 11.67 -16.86
N HIS A 655 -19.44 10.41 -16.47
CA HIS A 655 -19.21 9.29 -17.37
C HIS A 655 -20.03 9.37 -18.64
N VAL A 656 -19.34 9.30 -19.78
CA VAL A 656 -19.97 9.39 -21.09
C VAL A 656 -19.56 8.15 -21.88
N ASN A 657 -20.26 7.92 -23.00
CA ASN A 657 -19.99 6.81 -23.89
C ASN A 657 -19.48 7.26 -25.26
N ASN A 658 -18.69 8.33 -25.30
CA ASN A 658 -18.19 8.85 -26.57
C ASN A 658 -17.07 8.01 -27.16
N SER A 659 -16.17 7.47 -26.33
CA SER A 659 -15.15 6.52 -26.72
C SER A 659 -14.19 7.11 -27.77
N TYR A 660 -13.46 8.14 -27.34
CA TYR A 660 -12.34 8.66 -28.11
C TYR A 660 -11.09 7.80 -27.88
N GLU A 661 -9.95 8.33 -28.30
CA GLU A 661 -8.66 7.69 -28.09
C GLU A 661 -8.31 7.72 -26.61
N CYS A 662 -7.55 6.72 -26.16
CA CYS A 662 -7.20 6.73 -24.74
C CYS A 662 -6.18 7.82 -24.43
N ASP A 663 -6.20 8.22 -23.17
CA ASP A 663 -5.43 9.33 -22.59
C ASP A 663 -5.17 8.94 -21.15
N ILE A 664 -4.97 9.92 -20.28
CA ILE A 664 -4.82 9.67 -18.85
C ILE A 664 -5.79 8.57 -18.42
N PRO A 665 -5.27 7.43 -17.98
CA PRO A 665 -6.11 6.23 -17.81
C PRO A 665 -6.67 6.08 -16.40
N ILE A 666 -7.81 5.42 -16.31
CA ILE A 666 -8.44 5.14 -15.03
C ILE A 666 -8.35 3.66 -14.71
N GLY A 667 -8.77 2.81 -15.64
CA GLY A 667 -8.68 1.38 -15.44
C GLY A 667 -9.69 0.57 -16.23
N ALA A 668 -9.25 -0.58 -16.73
CA ALA A 668 -10.12 -1.58 -17.37
C ALA A 668 -10.69 -1.07 -18.69
N GLY A 669 -10.29 0.14 -19.08
CA GLY A 669 -10.80 0.77 -20.27
C GLY A 669 -11.42 2.13 -20.07
N ILE A 670 -10.97 2.89 -19.07
CA ILE A 670 -11.50 4.22 -18.81
C ILE A 670 -10.38 5.24 -18.98
N CYS A 671 -10.57 6.20 -19.88
CA CYS A 671 -9.59 7.25 -20.13
C CYS A 671 -10.32 8.60 -20.16
N ALA A 672 -9.60 9.66 -20.50
CA ALA A 672 -10.10 11.03 -20.31
C ALA A 672 -9.49 11.94 -21.37
N SER A 673 -9.44 13.24 -21.08
CA SER A 673 -8.83 14.27 -21.92
C SER A 673 -9.54 14.53 -23.26
N TYR A 674 -10.74 15.08 -23.19
CA TYR A 674 -11.51 15.53 -24.36
C TYR A 674 -11.01 16.89 -24.83
N GLN A 675 -11.79 17.53 -25.71
CA GLN A 675 -11.49 18.83 -26.28
C GLN A 675 -12.30 19.91 -25.56
N THR A 676 -12.04 21.18 -25.89
CA THR A 676 -12.50 22.31 -25.11
C THR A 676 -13.92 22.76 -25.41
N GLN A 677 -14.58 22.21 -26.42
CA GLN A 677 -15.94 22.62 -26.74
C GLN A 677 -16.81 21.39 -26.96
N THR A 678 -16.73 20.44 -26.03
CA THR A 678 -17.56 19.25 -26.13
C THR A 678 -19.04 19.60 -25.99
N ASN A 679 -19.38 20.42 -25.00
CA ASN A 679 -20.78 20.77 -24.78
C ASN A 679 -21.03 22.26 -24.64
N SER A 680 -20.14 22.99 -23.99
CA SER A 680 -20.39 24.34 -23.55
C SER A 680 -19.20 25.24 -23.79
N PRO A 681 -19.41 26.56 -23.84
CA PRO A 681 -18.26 27.49 -23.83
C PRO A 681 -17.41 27.38 -22.57
N ARG A 682 -18.03 27.13 -21.42
CA ARG A 682 -17.29 26.96 -20.18
C ARG A 682 -16.45 25.68 -20.17
N ARG A 683 -16.77 24.74 -21.03
CA ARG A 683 -15.93 23.57 -21.25
C ARG A 683 -14.51 24.01 -21.62
N ALA A 684 -13.52 23.31 -21.09
CA ALA A 684 -12.12 23.67 -21.29
C ALA A 684 -11.38 22.49 -21.92
N ARG A 685 -10.08 22.69 -22.18
CA ARG A 685 -9.28 21.59 -22.71
C ARG A 685 -9.25 20.42 -21.75
N SER A 686 -9.10 20.69 -20.45
CA SER A 686 -9.32 19.66 -19.45
C SER A 686 -10.80 19.30 -19.41
N VAL A 687 -11.08 18.02 -19.22
CA VAL A 687 -12.44 17.51 -19.29
C VAL A 687 -13.35 18.19 -18.29
N ALA A 688 -14.48 18.70 -18.79
CA ALA A 688 -15.66 19.00 -17.98
C ALA A 688 -15.32 19.88 -16.77
N SER A 689 -14.99 21.14 -17.08
CA SER A 689 -14.53 22.11 -16.09
C SER A 689 -15.29 21.99 -14.77
N GLN A 690 -14.54 22.06 -13.67
CA GLN A 690 -14.99 21.83 -12.29
C GLN A 690 -15.19 20.36 -12.00
N SER A 691 -14.97 19.50 -12.99
CA SER A 691 -15.01 18.05 -12.85
C SER A 691 -14.03 17.43 -13.83
N ILE A 692 -14.07 16.11 -13.97
CA ILE A 692 -13.23 15.40 -14.93
C ILE A 692 -13.99 14.18 -15.45
N ILE A 693 -14.25 14.15 -16.75
CA ILE A 693 -15.05 13.10 -17.35
C ILE A 693 -14.13 12.00 -17.85
N ALA A 694 -14.48 10.75 -17.55
CA ALA A 694 -13.67 9.59 -17.90
C ALA A 694 -14.56 8.56 -18.59
N TYR A 695 -14.44 8.48 -19.91
CA TYR A 695 -15.29 7.66 -20.77
C TYR A 695 -14.76 6.23 -20.86
N THR A 696 -15.28 5.47 -21.81
CA THR A 696 -14.81 4.12 -22.07
C THR A 696 -13.74 4.15 -23.15
N MET A 697 -12.60 3.53 -22.85
CA MET A 697 -11.43 3.61 -23.73
C MET A 697 -11.71 2.94 -25.07
N SER A 698 -11.06 3.47 -26.10
CA SER A 698 -11.06 2.87 -27.43
C SER A 698 -9.85 3.37 -28.19
N LEU A 699 -9.25 2.48 -28.99
CA LEU A 699 -8.22 2.95 -29.93
C LEU A 699 -8.82 3.76 -31.06
N GLY A 700 -10.10 4.07 -31.00
CA GLY A 700 -10.80 4.73 -32.08
C GLY A 700 -11.96 3.90 -32.57
N ALA A 701 -11.96 3.56 -33.86
CA ALA A 701 -13.04 2.79 -34.45
C ALA A 701 -12.43 1.89 -35.52
N GLU A 702 -13.30 1.26 -36.30
CA GLU A 702 -12.84 0.37 -37.35
C GLU A 702 -12.31 1.14 -38.56
N ASN A 703 -11.42 0.46 -39.28
CA ASN A 703 -10.95 0.86 -40.61
C ASN A 703 -10.88 -0.36 -41.52
N SER A 704 -11.96 -1.15 -41.52
CA SER A 704 -12.04 -2.46 -42.16
C SER A 704 -11.41 -2.50 -43.55
N VAL A 705 -10.80 -3.65 -43.88
CA VAL A 705 -10.29 -3.96 -45.20
C VAL A 705 -11.12 -5.08 -45.78
N ALA A 706 -11.25 -5.11 -47.11
CA ALA A 706 -12.25 -5.93 -47.77
C ALA A 706 -11.59 -7.00 -48.64
N TYR A 707 -12.43 -7.86 -49.20
CA TYR A 707 -12.00 -9.01 -49.99
C TYR A 707 -11.74 -8.58 -51.42
N SER A 708 -10.46 -8.61 -51.81
CA SER A 708 -10.12 -8.49 -53.22
C SER A 708 -9.82 -9.87 -53.77
N ASN A 709 -10.63 -10.35 -54.72
CA ASN A 709 -10.32 -11.61 -55.39
C ASN A 709 -9.10 -11.45 -56.27
N ASN A 710 -9.17 -10.51 -57.21
CA ASN A 710 -8.02 -10.12 -58.01
C ASN A 710 -7.91 -8.61 -58.19
N SER A 711 -8.85 -7.83 -57.66
CA SER A 711 -8.83 -6.39 -57.84
C SER A 711 -7.63 -5.80 -57.11
N ILE A 712 -6.96 -4.85 -57.75
CA ILE A 712 -5.74 -4.27 -57.21
C ILE A 712 -5.97 -2.79 -56.95
N ALA A 713 -6.13 -2.44 -55.67
CA ALA A 713 -6.18 -1.03 -55.27
C ALA A 713 -4.74 -0.55 -55.24
N ILE A 714 -4.21 -0.26 -56.44
CA ILE A 714 -2.77 -0.11 -56.64
C ILE A 714 -2.30 1.30 -56.30
N PRO A 715 -1.17 1.45 -55.61
CA PRO A 715 -0.67 2.80 -55.30
C PRO A 715 0.00 3.44 -56.51
N THR A 716 -0.21 4.74 -56.65
CA THR A 716 0.58 5.57 -57.55
C THR A 716 1.41 6.61 -56.82
N ASN A 717 1.24 6.73 -55.50
CA ASN A 717 1.96 7.68 -54.67
C ASN A 717 2.19 7.05 -53.31
N PHE A 718 2.97 7.73 -52.46
CA PHE A 718 3.34 7.19 -51.16
C PHE A 718 3.66 8.35 -50.22
N THR A 719 3.74 8.04 -48.93
CA THR A 719 4.00 9.03 -47.89
C THR A 719 5.07 8.50 -46.95
N ILE A 720 5.71 9.42 -46.22
CA ILE A 720 6.74 9.09 -45.24
C ILE A 720 6.60 10.06 -44.07
N SER A 721 7.04 9.63 -42.89
CA SER A 721 7.17 10.51 -41.73
C SER A 721 8.43 10.12 -40.96
N VAL A 722 8.86 10.98 -40.05
CA VAL A 722 10.05 10.72 -39.26
C VAL A 722 9.70 10.96 -37.78
N THR A 723 10.40 10.24 -36.91
CA THR A 723 10.07 10.08 -35.50
C THR A 723 11.27 10.47 -34.64
N THR A 724 11.24 10.04 -33.37
CA THR A 724 12.42 10.04 -32.51
C THR A 724 12.50 8.71 -31.80
N GLU A 725 13.68 8.10 -31.83
CA GLU A 725 13.90 6.84 -31.13
C GLU A 725 14.99 7.05 -30.09
N ILE A 726 14.68 6.74 -28.84
CA ILE A 726 15.43 7.21 -27.68
C ILE A 726 15.79 6.01 -26.82
N LEU A 727 17.09 5.81 -26.56
CA LEU A 727 17.58 4.63 -25.84
C LEU A 727 18.83 5.00 -25.08
N PRO A 728 18.80 4.91 -23.74
CA PRO A 728 20.02 5.14 -22.96
C PRO A 728 21.09 4.14 -23.33
N VAL A 729 22.35 4.54 -23.17
CA VAL A 729 23.46 3.67 -23.56
C VAL A 729 24.51 3.56 -22.47
N SER A 730 24.20 4.07 -21.28
CA SER A 730 25.12 4.00 -20.16
C SER A 730 24.45 4.56 -18.92
N MET A 731 25.06 4.29 -17.78
CA MET A 731 24.86 5.11 -16.60
C MET A 731 25.52 6.46 -16.85
N THR A 732 25.26 7.40 -15.95
CA THR A 732 26.23 8.44 -15.72
C THR A 732 27.40 7.78 -15.01
N LYS A 733 28.42 7.42 -15.78
CA LYS A 733 29.44 6.45 -15.35
C LYS A 733 29.84 6.68 -13.91
N THR A 734 29.61 5.68 -13.08
CA THR A 734 29.81 5.83 -11.65
C THR A 734 30.39 4.55 -11.09
N SER A 735 31.49 4.71 -10.37
CA SER A 735 31.96 3.65 -9.50
C SER A 735 31.66 4.07 -8.08
N VAL A 736 31.84 3.15 -7.15
CA VAL A 736 31.63 3.42 -5.74
C VAL A 736 32.72 2.70 -4.98
N ASP A 737 33.68 3.44 -4.45
CA ASP A 737 34.58 2.84 -3.48
C ASP A 737 33.72 2.37 -2.33
N CYS A 738 33.54 1.06 -2.21
CA CYS A 738 32.55 0.55 -1.25
C CYS A 738 32.93 0.93 0.17
N THR A 739 34.20 0.76 0.52
CA THR A 739 34.66 1.14 1.85
C THR A 739 34.44 2.64 2.08
N MET A 740 34.93 3.48 1.17
CA MET A 740 34.81 4.92 1.35
C MET A 740 33.35 5.34 1.36
N TYR A 741 32.53 4.72 0.52
CA TYR A 741 31.08 4.88 0.63
C TYR A 741 30.60 4.63 2.04
N ILE A 742 31.10 3.57 2.66
CA ILE A 742 30.56 3.09 3.92
C ILE A 742 31.43 3.57 5.07
N CYS A 743 32.71 3.20 5.05
CA CYS A 743 33.58 3.55 6.17
C CYS A 743 33.99 5.02 6.15
N GLY A 744 34.18 5.59 4.96
CA GLY A 744 34.58 6.98 4.88
C GLY A 744 35.96 7.24 5.44
N ASP A 745 36.91 6.34 5.17
CA ASP A 745 38.29 6.47 5.65
C ASP A 745 38.32 6.62 7.17
N SER A 746 37.68 5.68 7.86
CA SER A 746 37.54 5.72 9.31
C SER A 746 38.15 4.48 9.93
N THR A 747 39.04 4.69 10.91
CA THR A 747 39.67 3.57 11.61
C THR A 747 38.62 2.61 12.16
N GLU A 748 37.58 3.16 12.79
CA GLU A 748 36.49 2.32 13.30
C GLU A 748 35.93 1.42 12.22
N CYS A 749 35.39 2.00 11.15
CA CYS A 749 34.76 1.18 10.13
C CYS A 749 35.78 0.45 9.29
N SER A 750 36.97 1.01 9.07
CA SER A 750 37.98 0.30 8.31
C SER A 750 38.33 -1.02 8.99
N ASN A 751 38.67 -0.97 10.27
CA ASN A 751 38.94 -2.19 11.02
C ASN A 751 37.70 -3.06 11.12
N LEU A 752 36.54 -2.44 11.33
CA LEU A 752 35.29 -3.17 11.50
C LEU A 752 34.93 -3.97 10.26
N LEU A 753 35.09 -3.39 9.07
CA LEU A 753 34.80 -4.09 7.83
C LEU A 753 35.90 -5.09 7.48
N LEU A 754 37.17 -4.76 7.76
CA LEU A 754 38.21 -5.78 7.67
C LEU A 754 37.84 -7.01 8.48
N GLN A 755 37.21 -6.79 9.65
CA GLN A 755 36.67 -7.88 10.44
C GLN A 755 35.44 -8.51 9.79
N TYR A 756 34.65 -7.72 9.06
CA TYR A 756 33.33 -8.16 8.58
C TYR A 756 33.39 -8.55 7.11
N GLY A 757 33.28 -9.85 6.85
CA GLY A 757 32.96 -10.38 5.54
C GLY A 757 33.86 -9.96 4.39
N SER A 758 33.44 -10.32 3.17
CA SER A 758 34.16 -9.95 1.96
C SER A 758 33.24 -9.38 0.90
N PHE A 759 32.01 -9.01 1.28
CA PHE A 759 31.04 -8.51 0.32
C PHE A 759 31.57 -7.32 -0.46
N CYS A 760 32.10 -6.33 0.26
CA CYS A 760 32.50 -5.08 -0.36
C CYS A 760 33.47 -5.30 -1.52
N THR A 761 34.37 -6.26 -1.38
CA THR A 761 35.29 -6.59 -2.46
C THR A 761 34.52 -7.05 -3.69
N GLN A 762 33.56 -7.95 -3.50
CA GLN A 762 32.78 -8.46 -4.62
C GLN A 762 31.97 -7.35 -5.26
N LEU A 763 31.36 -6.49 -4.43
CA LEU A 763 30.56 -5.39 -4.93
C LEU A 763 31.41 -4.43 -5.74
N ASN A 764 32.60 -4.12 -5.26
CA ASN A 764 33.47 -3.21 -5.99
C ASN A 764 33.92 -3.86 -7.29
N ARG A 765 34.11 -5.19 -7.28
CA ARG A 765 34.39 -5.88 -8.53
C ARG A 765 33.24 -5.69 -9.50
N ALA A 766 32.01 -5.86 -9.02
CA ALA A 766 30.84 -5.69 -9.89
C ALA A 766 30.75 -4.26 -10.41
N LEU A 767 31.08 -3.29 -9.56
CA LEU A 767 31.00 -1.89 -9.96
C LEU A 767 32.08 -1.53 -10.97
N THR A 768 33.29 -2.05 -10.79
CA THR A 768 34.31 -1.89 -11.82
C THR A 768 33.90 -2.58 -13.10
N GLY A 769 33.24 -3.73 -12.98
CA GLY A 769 32.73 -4.40 -14.15
C GLY A 769 31.71 -3.56 -14.90
N ILE A 770 30.79 -2.94 -14.16
CA ILE A 770 29.82 -2.08 -14.84
C ILE A 770 30.50 -0.82 -15.35
N ALA A 771 31.58 -0.36 -14.70
CA ALA A 771 32.28 0.81 -15.19
C ALA A 771 32.92 0.54 -16.54
N VAL A 772 33.80 -0.45 -16.59
CA VAL A 772 34.37 -0.87 -17.86
C VAL A 772 33.26 -1.31 -18.80
N GLU A 773 32.10 -1.66 -18.24
CA GLU A 773 30.96 -2.00 -19.07
C GLU A 773 30.43 -0.80 -19.82
N GLN A 774 30.20 0.33 -19.15
CA GLN A 774 29.71 1.48 -19.92
C GLN A 774 30.80 2.01 -20.82
N ASP A 775 32.06 1.84 -20.44
CA ASP A 775 33.14 2.11 -21.41
C ASP A 775 32.95 1.26 -22.66
N LYS A 776 32.66 -0.03 -22.45
CA LYS A 776 32.45 -0.95 -23.57
C LYS A 776 31.18 -0.61 -24.34
N ASN A 777 30.16 -0.13 -23.66
CA ASN A 777 28.92 0.27 -24.33
C ASN A 777 29.18 1.48 -25.22
N THR A 778 29.87 2.49 -24.68
CA THR A 778 30.22 3.64 -25.49
C THR A 778 31.10 3.23 -26.65
N GLN A 779 32.06 2.33 -26.40
CA GLN A 779 32.97 1.90 -27.47
C GLN A 779 32.21 1.14 -28.55
N GLU A 780 31.32 0.23 -28.16
CA GLU A 780 30.59 -0.58 -29.13
C GLU A 780 29.59 0.26 -29.92
N VAL A 781 28.91 1.19 -29.25
CA VAL A 781 28.02 2.08 -29.98
C VAL A 781 28.84 3.03 -30.87
N PHE A 782 30.12 3.23 -30.55
CA PHE A 782 30.96 4.18 -31.26
C PHE A 782 32.29 3.59 -31.71
N ALA A 783 32.33 2.28 -32.00
CA ALA A 783 33.44 1.69 -32.75
C ALA A 783 32.94 0.62 -33.69
N GLN A 784 31.72 0.78 -34.20
CA GLN A 784 31.19 -0.17 -35.18
C GLN A 784 32.06 -0.20 -36.42
N VAL A 785 32.68 0.93 -36.76
CA VAL A 785 33.65 1.02 -37.83
C VAL A 785 35.03 1.20 -37.21
N LYS A 786 36.02 0.56 -37.84
CA LYS A 786 37.39 0.60 -37.33
C LYS A 786 38.05 1.96 -37.51
N GLN A 787 37.76 2.65 -38.60
CA GLN A 787 38.45 3.90 -38.92
C GLN A 787 37.43 4.96 -39.31
N ILE A 788 37.73 6.21 -38.95
CA ILE A 788 36.76 7.29 -38.92
C ILE A 788 36.62 7.88 -40.32
N TYR A 789 35.43 8.33 -40.67
CA TYR A 789 35.15 8.92 -41.97
C TYR A 789 34.54 10.30 -41.80
N LYS A 790 35.26 11.35 -42.20
CA LYS A 790 34.70 12.69 -42.16
C LYS A 790 33.70 12.89 -43.29
N THR A 791 32.72 13.74 -43.03
CA THR A 791 31.72 14.05 -44.04
C THR A 791 32.39 14.70 -45.25
N PRO A 792 31.73 14.68 -46.39
CA PRO A 792 32.25 15.36 -47.58
C PRO A 792 32.43 16.84 -47.33
N PRO A 793 33.41 17.48 -47.99
CA PRO A 793 33.65 18.91 -47.76
C PRO A 793 32.50 19.79 -48.21
N ILE A 794 32.05 19.59 -49.44
CA ILE A 794 30.93 20.35 -49.99
C ILE A 794 29.68 19.49 -49.89
N LYS A 795 28.62 20.05 -49.30
CA LYS A 795 27.41 19.31 -48.96
C LYS A 795 26.34 19.59 -49.99
N ASP A 796 26.41 18.89 -51.13
CA ASP A 796 25.48 19.06 -52.23
C ASP A 796 25.05 17.70 -52.78
N PHE A 797 24.60 16.83 -51.88
CA PHE A 797 24.37 15.41 -52.17
C PHE A 797 23.18 15.17 -53.09
N GLY A 798 23.43 15.09 -54.40
CA GLY A 798 22.42 14.73 -55.37
C GLY A 798 21.05 15.36 -55.19
N GLY A 799 21.02 16.58 -54.67
CA GLY A 799 19.78 17.28 -54.42
C GLY A 799 19.14 16.96 -53.09
N PHE A 800 19.73 16.09 -52.27
CA PHE A 800 19.15 15.72 -50.99
C PHE A 800 19.84 16.53 -49.90
N ASN A 801 19.20 17.62 -49.49
CA ASN A 801 19.74 18.49 -48.46
C ASN A 801 19.69 17.81 -47.10
N PHE A 802 20.67 18.10 -46.26
CA PHE A 802 20.67 17.55 -44.92
C PHE A 802 20.80 18.63 -43.86
N SER A 803 21.76 19.54 -44.00
CA SER A 803 21.72 20.88 -43.44
C SER A 803 21.71 20.91 -41.91
N GLN A 804 21.51 19.76 -41.27
CA GLN A 804 21.28 19.76 -39.83
C GLN A 804 22.02 18.67 -39.09
N ILE A 805 22.39 17.56 -39.74
CA ILE A 805 22.90 16.40 -39.04
C ILE A 805 24.42 16.24 -39.20
N LEU A 806 25.00 16.83 -40.23
CA LEU A 806 26.44 16.87 -40.31
C LEU A 806 26.99 17.76 -39.20
N PRO A 807 28.14 17.43 -38.64
CA PRO A 807 28.68 18.22 -37.53
C PRO A 807 29.06 19.62 -38.00
N ASP A 808 29.28 20.50 -37.03
CA ASP A 808 29.70 21.85 -37.36
C ASP A 808 31.05 21.83 -38.06
N PRO A 809 31.17 22.41 -39.25
CA PRO A 809 32.47 22.46 -39.93
C PRO A 809 33.55 23.15 -39.10
N SER A 810 33.21 24.26 -38.43
CA SER A 810 34.18 24.93 -37.59
C SER A 810 33.61 25.53 -36.31
N LYS A 811 32.32 25.36 -36.02
CA LYS A 811 31.75 25.92 -34.81
C LYS A 811 32.26 25.15 -33.60
N PRO A 812 32.38 25.78 -32.43
CA PRO A 812 32.88 25.07 -31.25
C PRO A 812 32.05 23.83 -30.93
N SER A 813 32.76 22.78 -30.51
CA SER A 813 32.29 21.46 -30.11
C SER A 813 31.85 20.60 -31.30
N LYS A 814 31.79 21.16 -32.52
CA LYS A 814 31.56 20.44 -33.76
C LYS A 814 30.51 19.33 -33.62
N ARG A 815 29.36 19.70 -33.12
CA ARG A 815 28.20 18.83 -33.10
C ARG A 815 27.31 19.24 -34.27
N SER A 816 26.35 18.39 -34.63
CA SER A 816 25.47 18.79 -35.72
C SER A 816 24.56 19.92 -35.25
N PHE A 817 24.05 20.68 -36.22
CA PHE A 817 23.11 21.75 -35.88
C PHE A 817 21.99 21.18 -35.01
N ILE A 818 21.43 20.05 -35.44
CA ILE A 818 20.55 19.28 -34.58
C ILE A 818 21.24 18.95 -33.27
N GLU A 819 22.50 18.51 -33.35
CA GLU A 819 23.14 18.01 -32.15
C GLU A 819 23.55 19.15 -31.23
N ASP A 820 23.93 20.30 -31.79
CA ASP A 820 24.07 21.50 -30.99
C ASP A 820 22.78 21.76 -30.22
N LEU A 821 21.67 21.79 -30.95
CA LEU A 821 20.39 22.07 -30.32
C LEU A 821 20.02 21.00 -29.30
N LEU A 822 20.55 19.79 -29.43
CA LEU A 822 20.24 18.76 -28.45
C LEU A 822 21.08 18.89 -27.20
N PHE A 823 22.40 18.88 -27.33
CA PHE A 823 23.25 19.05 -26.16
C PHE A 823 23.03 20.37 -25.46
N ASN A 824 22.40 21.35 -26.10
CA ASN A 824 22.00 22.53 -25.35
C ASN A 824 20.56 22.45 -24.86
N LYS A 825 19.63 21.95 -25.67
CA LYS A 825 18.23 21.90 -25.26
C LYS A 825 17.99 20.89 -24.16
N VAL A 826 18.84 19.85 -24.07
CA VAL A 826 18.78 18.97 -22.90
C VAL A 826 18.80 19.85 -21.68
N THR A 827 17.93 19.55 -20.71
CA THR A 827 17.67 20.54 -19.68
C THR A 827 18.93 20.70 -18.88
N LEU A 828 19.76 21.67 -19.26
CA LEU A 828 21.18 21.69 -18.95
C LEU A 828 21.46 21.48 -17.46
N ALA A 829 20.47 21.66 -16.60
CA ALA A 829 20.57 21.05 -15.28
C ALA A 829 20.68 19.54 -15.41
N ASP A 830 19.71 18.92 -16.10
CA ASP A 830 19.66 17.47 -16.28
C ASP A 830 19.74 16.79 -14.93
N ALA A 831 18.72 17.04 -14.10
CA ALA A 831 18.76 16.76 -12.67
C ALA A 831 19.92 17.47 -11.99
N GLY A 832 20.38 18.57 -12.58
CA GLY A 832 21.43 19.38 -12.01
C GLY A 832 22.71 18.66 -11.68
N PHE A 833 22.93 17.48 -12.23
CA PHE A 833 23.77 16.62 -11.42
C PHE A 833 25.32 17.01 -11.53
N ILE A 834 25.64 18.24 -11.95
CA ILE A 834 26.84 18.95 -11.51
C ILE A 834 26.50 20.12 -10.61
N GLN A 853 29.08 15.89 -9.37
CA GLN A 853 28.33 15.93 -8.10
C GLN A 853 28.73 14.80 -7.15
N LYS A 854 30.02 14.72 -6.84
CA LYS A 854 30.55 13.66 -6.00
C LYS A 854 30.63 14.12 -4.55
N PHE A 855 30.08 13.31 -3.64
CA PHE A 855 29.98 13.69 -2.23
C PHE A 855 30.80 12.81 -1.32
N ASN A 856 30.56 11.49 -1.33
CA ASN A 856 31.27 10.58 -0.44
C ASN A 856 31.19 9.17 -1.00
N GLY A 857 32.35 8.54 -1.16
CA GLY A 857 32.42 7.21 -1.74
C GLY A 857 32.12 7.22 -3.21
N LEU A 858 31.46 8.28 -3.66
CA LEU A 858 31.04 8.42 -5.04
C LEU A 858 32.24 8.65 -5.93
N THR A 859 31.97 8.68 -7.23
CA THR A 859 32.93 9.13 -8.22
C THR A 859 32.22 9.11 -9.57
N VAL A 860 32.77 9.89 -10.49
CA VAL A 860 32.35 9.82 -11.87
C VAL A 860 33.59 9.74 -12.74
N LEU A 861 34.01 8.55 -13.03
CA LEU A 861 35.09 8.53 -13.99
C LEU A 861 34.54 8.80 -15.38
N PRO A 862 35.08 9.78 -16.09
CA PRO A 862 34.54 10.16 -17.37
C PRO A 862 34.82 9.08 -18.40
N PRO A 863 34.05 9.03 -19.47
CA PRO A 863 34.04 7.84 -20.33
C PRO A 863 35.31 7.74 -21.16
N LEU A 864 35.39 6.67 -21.95
CA LEU A 864 36.54 6.49 -22.83
C LEU A 864 36.50 7.49 -23.97
N LEU A 865 35.45 7.42 -24.79
CA LEU A 865 35.30 8.32 -25.92
C LEU A 865 34.71 9.64 -25.41
N THR A 866 35.47 10.73 -25.56
CA THR A 866 35.01 12.03 -25.11
C THR A 866 33.85 12.51 -25.97
N ASP A 867 33.10 13.47 -25.44
CA ASP A 867 31.88 13.92 -26.11
C ASP A 867 32.15 14.29 -27.56
N GLU A 868 33.25 15.01 -27.80
CA GLU A 868 33.67 15.28 -29.16
C GLU A 868 34.03 14.02 -29.91
N MET A 869 34.49 12.98 -29.23
CA MET A 869 34.78 11.74 -29.94
C MET A 869 33.49 11.05 -30.39
N ILE A 870 32.44 11.10 -29.55
CA ILE A 870 31.12 10.66 -30.01
C ILE A 870 30.71 11.48 -31.22
N ALA A 871 30.91 12.80 -31.16
CA ALA A 871 30.51 13.65 -32.28
C ALA A 871 31.24 13.26 -33.55
N GLN A 872 32.55 13.05 -33.47
CA GLN A 872 33.30 12.58 -34.62
C GLN A 872 32.78 11.24 -35.09
N TYR A 873 32.31 10.40 -34.17
CA TYR A 873 31.81 9.12 -34.63
C TYR A 873 30.51 9.31 -35.41
N THR A 874 29.65 10.23 -34.96
CA THR A 874 28.47 10.58 -35.74
C THR A 874 28.85 11.09 -37.12
N SER A 875 29.97 11.82 -37.18
CA SER A 875 30.49 12.24 -38.48
C SER A 875 30.79 11.04 -39.35
N ALA A 876 31.48 10.05 -38.78
CA ALA A 876 31.74 8.81 -39.52
C ALA A 876 30.43 8.16 -39.95
N LEU A 877 29.42 8.25 -39.08
CA LEU A 877 28.14 7.62 -39.33
C LEU A 877 27.47 8.23 -40.55
N LEU A 878 27.35 9.56 -40.60
CA LEU A 878 26.75 10.19 -41.75
C LEU A 878 27.62 10.02 -42.98
N ALA A 879 28.94 10.07 -42.83
CA ALA A 879 29.83 9.87 -43.96
C ALA A 879 29.53 8.54 -44.64
N GLY A 880 29.45 7.46 -43.86
CA GLY A 880 29.09 6.18 -44.45
C GLY A 880 27.66 6.14 -44.96
N THR A 881 26.72 6.68 -44.18
CA THR A 881 25.30 6.55 -44.51
C THR A 881 24.95 7.22 -45.83
N ILE A 882 25.50 8.41 -46.08
CA ILE A 882 25.14 9.16 -47.27
C ILE A 882 26.31 9.34 -48.22
N THR A 883 27.41 8.65 -47.99
CA THR A 883 28.61 8.91 -48.78
C THR A 883 29.31 7.65 -49.28
N SER A 884 29.12 6.51 -48.64
CA SER A 884 29.90 5.33 -48.99
C SER A 884 29.03 4.15 -49.44
N GLY A 885 27.84 4.02 -48.90
CA GLY A 885 26.91 3.06 -49.44
C GLY A 885 26.36 2.16 -48.34
N TRP A 886 26.09 0.92 -48.72
CA TRP A 886 25.69 -0.13 -47.79
C TRP A 886 26.86 -0.62 -46.96
N THR A 887 27.98 0.10 -46.97
CA THR A 887 29.26 -0.53 -46.81
C THR A 887 30.22 0.12 -45.81
N PHE A 888 29.85 1.20 -45.13
CA PHE A 888 30.80 1.68 -44.13
C PHE A 888 30.78 0.80 -42.89
N GLY A 889 29.71 0.05 -42.68
CA GLY A 889 29.74 -1.07 -41.77
C GLY A 889 30.34 -2.28 -42.45
N ALA A 890 30.47 -2.22 -43.77
CA ALA A 890 31.18 -3.26 -44.52
C ALA A 890 32.63 -2.86 -44.82
N GLY A 891 33.37 -2.46 -43.80
CA GLY A 891 34.80 -2.21 -43.97
C GLY A 891 35.11 -0.76 -44.30
N ALA A 892 35.98 -0.56 -45.29
CA ALA A 892 36.43 0.78 -45.63
C ALA A 892 35.34 1.57 -46.33
N ALA A 893 35.25 2.85 -46.01
CA ALA A 893 34.27 3.71 -46.65
C ALA A 893 34.69 4.04 -48.07
N LEU A 894 33.73 3.96 -49.00
CA LEU A 894 33.95 4.26 -50.40
C LEU A 894 33.67 5.74 -50.67
N GLN A 895 34.01 6.19 -51.87
CA GLN A 895 33.75 7.55 -52.31
C GLN A 895 32.67 7.52 -53.37
N ILE A 896 31.41 7.54 -52.92
CA ILE A 896 30.29 7.23 -53.80
C ILE A 896 29.16 8.23 -53.52
N PRO A 897 28.35 8.56 -54.51
CA PRO A 897 27.28 9.55 -54.28
C PRO A 897 26.10 9.00 -53.51
N PHE A 898 25.30 9.92 -52.96
CA PHE A 898 23.97 9.61 -52.44
C PHE A 898 22.85 9.68 -53.45
N ALA A 899 22.99 10.40 -54.57
CA ALA A 899 21.93 10.34 -55.57
C ALA A 899 21.81 8.89 -55.99
N MET A 900 22.92 8.32 -56.39
CA MET A 900 22.89 6.92 -56.80
C MET A 900 22.92 5.97 -55.60
N GLN A 901 23.30 6.43 -54.41
CA GLN A 901 23.11 5.57 -53.25
C GLN A 901 21.63 5.33 -53.01
N MET A 902 20.82 6.40 -53.06
CA MET A 902 19.38 6.23 -52.95
C MET A 902 18.84 5.51 -54.17
N ALA A 903 19.51 5.65 -55.32
CA ALA A 903 19.14 4.85 -56.48
C ALA A 903 19.28 3.36 -56.19
N TYR A 904 20.39 2.96 -55.55
CA TYR A 904 20.53 1.53 -55.23
C TYR A 904 19.67 1.11 -54.06
N ARG A 905 19.33 2.02 -53.14
CA ARG A 905 18.37 1.64 -52.11
C ARG A 905 16.96 1.44 -52.67
N PHE A 906 16.55 2.25 -53.65
CA PHE A 906 15.35 1.91 -54.40
C PHE A 906 15.52 0.58 -55.13
N ASN A 907 16.66 0.41 -55.81
CA ASN A 907 16.96 -0.81 -56.56
C ASN A 907 16.90 -2.08 -55.72
N GLY A 908 17.31 -2.03 -54.46
CA GLY A 908 17.37 -3.19 -53.59
C GLY A 908 16.22 -3.36 -52.62
N ILE A 909 15.12 -2.63 -52.79
CA ILE A 909 13.96 -2.80 -51.92
C ILE A 909 12.79 -3.38 -52.70
N GLY A 910 12.96 -3.54 -54.02
CA GLY A 910 11.97 -4.22 -54.83
C GLY A 910 11.24 -3.37 -55.83
N VAL A 911 11.55 -2.07 -55.88
CA VAL A 911 10.97 -1.15 -56.86
C VAL A 911 12.11 -0.41 -57.53
N THR A 912 12.17 -0.49 -58.86
CA THR A 912 13.34 -0.06 -59.62
C THR A 912 13.70 1.40 -59.33
N GLN A 913 14.95 1.76 -59.64
CA GLN A 913 15.44 3.11 -59.46
C GLN A 913 14.88 4.09 -60.49
N ASN A 914 13.85 3.67 -61.24
CA ASN A 914 13.04 4.63 -61.97
C ASN A 914 12.42 5.67 -61.05
N VAL A 915 12.24 5.32 -59.77
CA VAL A 915 11.48 6.17 -58.86
C VAL A 915 12.17 7.52 -58.66
N LEU A 916 13.48 7.50 -58.42
CA LEU A 916 14.18 8.76 -58.15
C LEU A 916 14.75 9.35 -59.44
N TYR A 917 15.25 8.48 -60.33
CA TYR A 917 15.69 8.99 -61.63
C TYR A 917 14.55 9.69 -62.37
N GLU A 918 13.31 9.37 -62.00
CA GLU A 918 12.16 10.22 -62.32
C GLU A 918 12.03 11.36 -61.32
N ASN A 919 12.06 11.04 -60.03
CA ASN A 919 11.67 11.97 -58.97
C ASN A 919 12.75 12.18 -57.91
N GLN A 920 14.02 12.17 -58.29
CA GLN A 920 15.09 12.45 -57.33
C GLN A 920 14.90 13.82 -56.67
N LYS A 921 14.54 14.82 -57.46
CA LYS A 921 14.24 16.13 -56.89
C LYS A 921 13.02 16.05 -55.96
N LEU A 922 11.96 15.35 -56.38
CA LEU A 922 10.75 15.29 -55.59
C LEU A 922 10.92 14.49 -54.30
N ILE A 923 11.54 13.30 -54.40
CA ILE A 923 11.78 12.52 -53.19
C ILE A 923 12.77 13.24 -52.29
N ALA A 924 13.76 13.91 -52.88
CA ALA A 924 14.67 14.72 -52.08
C ALA A 924 13.92 15.82 -51.33
N ASN A 925 12.99 16.49 -52.00
CA ASN A 925 12.18 17.52 -51.35
C ASN A 925 11.39 16.94 -50.18
N GLN A 926 10.64 15.87 -50.43
CA GLN A 926 9.89 15.23 -49.35
C GLN A 926 10.82 14.88 -48.18
N PHE A 927 11.93 14.23 -48.49
CA PHE A 927 12.81 13.65 -47.49
C PHE A 927 13.46 14.74 -46.64
N ASN A 928 14.07 15.75 -47.30
CA ASN A 928 14.79 16.78 -46.55
C ASN A 928 13.82 17.74 -45.87
N SER A 929 12.70 18.08 -46.50
CA SER A 929 11.73 18.95 -45.85
C SER A 929 11.17 18.29 -44.60
N ALA A 930 10.80 17.00 -44.70
CA ALA A 930 10.34 16.30 -43.52
C ALA A 930 11.41 16.28 -42.44
N ILE A 931 12.66 15.96 -42.82
CA ILE A 931 13.72 15.87 -41.83
C ILE A 931 13.96 17.23 -41.18
N GLY A 932 13.76 18.31 -41.93
CA GLY A 932 13.89 19.64 -41.34
C GLY A 932 12.80 19.91 -40.34
N LYS A 933 11.54 19.71 -40.75
CA LYS A 933 10.43 19.96 -39.83
C LYS A 933 10.50 19.07 -38.60
N ILE A 934 11.11 17.90 -38.69
CA ILE A 934 11.26 17.04 -37.52
C ILE A 934 12.14 17.72 -36.48
N GLN A 935 13.18 18.41 -36.93
CA GLN A 935 13.98 19.13 -35.95
C GLN A 935 13.20 20.27 -35.30
N ASP A 936 12.22 20.85 -35.99
CA ASP A 936 11.36 21.81 -35.32
C ASP A 936 10.68 21.17 -34.12
N SER A 937 10.25 19.92 -34.26
CA SER A 937 9.72 19.19 -33.12
C SER A 937 10.80 19.01 -32.06
N LEU A 938 11.90 18.34 -32.43
CA LEU A 938 12.97 18.08 -31.47
C LEU A 938 13.46 19.34 -30.77
N SER A 939 13.20 20.51 -31.32
CA SER A 939 13.48 21.77 -30.65
C SER A 939 12.34 22.23 -29.76
N SER A 940 11.11 22.14 -30.24
CA SER A 940 9.93 22.44 -29.44
C SER A 940 9.63 21.35 -28.43
N THR A 941 9.77 20.08 -28.84
CA THR A 941 9.37 18.96 -28.01
C THR A 941 10.41 18.75 -26.92
N ALA A 942 10.30 19.52 -25.83
CA ALA A 942 11.03 19.17 -24.63
C ALA A 942 10.32 18.01 -23.95
N SER A 943 11.10 17.16 -23.27
CA SER A 943 10.62 16.00 -22.53
C SER A 943 10.09 14.90 -23.45
N ALA A 944 10.02 15.14 -24.76
CA ALA A 944 9.72 14.06 -25.69
C ALA A 944 10.88 13.07 -25.78
N LEU A 945 12.04 13.44 -25.23
CA LEU A 945 13.19 12.55 -25.09
C LEU A 945 13.25 11.96 -23.70
N GLY A 946 12.09 11.67 -23.10
CA GLY A 946 12.00 11.35 -21.70
C GLY A 946 12.68 10.06 -21.28
N LYS A 947 13.26 9.31 -22.22
CA LYS A 947 13.93 8.08 -21.82
C LYS A 947 15.37 8.30 -21.40
N LEU A 948 16.15 9.10 -22.13
CA LEU A 948 17.48 9.45 -21.66
C LEU A 948 17.40 10.31 -20.41
N GLN A 949 16.56 11.34 -20.45
CA GLN A 949 16.28 12.13 -19.25
C GLN A 949 15.75 11.25 -18.14
N ASP A 950 14.92 10.26 -18.48
CA ASP A 950 14.38 9.34 -17.49
C ASP A 950 15.50 8.55 -16.83
N VAL A 951 16.44 8.03 -17.62
CA VAL A 951 17.51 7.23 -17.05
C VAL A 951 18.46 8.10 -16.24
N VAL A 952 18.71 9.33 -16.70
CA VAL A 952 19.44 10.27 -15.85
C VAL A 952 18.71 10.45 -14.53
N ASN A 953 17.38 10.54 -14.59
CA ASN A 953 16.59 10.67 -13.37
C ASN A 953 16.62 9.40 -12.54
N GLN A 954 16.71 8.24 -13.17
CA GLN A 954 16.75 7.00 -12.41
C GLN A 954 18.09 6.83 -11.70
N ASN A 955 19.18 7.19 -12.36
CA ASN A 955 20.46 7.23 -11.66
C ASN A 955 20.45 8.33 -10.60
N ALA A 956 19.78 9.45 -10.87
CA ALA A 956 19.63 10.49 -9.87
C ALA A 956 18.92 9.96 -8.65
N GLN A 957 17.80 9.27 -8.85
CA GLN A 957 17.06 8.65 -7.76
C GLN A 957 17.87 7.53 -7.13
N ALA A 958 18.66 6.82 -7.94
CA ALA A 958 19.52 5.79 -7.39
C ALA A 958 20.45 6.38 -6.35
N LEU A 959 21.26 7.37 -6.76
CA LEU A 959 22.16 8.02 -5.82
C LEU A 959 21.40 8.78 -4.74
N ASN A 960 20.17 9.21 -5.02
CA ASN A 960 19.47 10.07 -4.08
C ASN A 960 18.79 9.25 -2.99
N THR A 961 17.99 8.26 -3.38
CA THR A 961 17.55 7.24 -2.44
C THR A 961 18.73 6.59 -1.75
N LEU A 962 19.87 6.51 -2.45
CA LEU A 962 21.08 6.00 -1.85
C LEU A 962 21.53 6.87 -0.67
N VAL A 963 21.64 8.17 -0.90
CA VAL A 963 22.10 9.04 0.17
C VAL A 963 21.05 9.18 1.26
N LYS A 964 19.76 9.17 0.90
CA LYS A 964 18.73 9.21 1.93
C LYS A 964 18.68 7.92 2.73
N GLN A 965 19.08 6.81 2.11
CA GLN A 965 19.23 5.56 2.84
C GLN A 965 20.46 5.60 3.73
N LEU A 966 21.51 6.27 3.27
CA LEU A 966 22.62 6.68 4.13
C LEU A 966 22.10 7.51 5.28
N SER A 967 21.00 8.23 5.06
CA SER A 967 20.30 8.96 6.12
C SER A 967 19.18 8.09 6.70
N SER A 968 19.53 6.85 7.03
CA SER A 968 18.60 5.96 7.71
C SER A 968 19.34 5.38 8.90
N ASN A 969 18.85 5.71 10.09
CA ASN A 969 19.56 5.38 11.32
C ASN A 969 19.76 3.88 11.44
N PHE A 970 18.72 3.10 11.20
CA PHE A 970 18.76 1.64 11.22
C PHE A 970 19.38 1.11 12.52
N GLY A 971 18.76 1.48 13.64
CA GLY A 971 19.05 0.85 14.91
C GLY A 971 19.98 1.59 15.84
N ALA A 972 20.65 2.64 15.37
CA ALA A 972 21.47 3.45 16.26
C ALA A 972 20.66 4.62 16.79
N ILE A 973 21.33 5.50 17.55
CA ILE A 973 20.63 6.68 18.07
C ILE A 973 20.49 7.73 16.99
N SER A 974 21.32 7.68 15.95
CA SER A 974 21.23 8.59 14.82
C SER A 974 22.02 7.99 13.65
N SER A 975 21.67 8.43 12.44
CA SER A 975 22.30 7.88 11.24
C SER A 975 23.75 8.34 11.07
N VAL A 976 24.21 9.28 11.89
CA VAL A 976 25.58 9.77 11.77
C VAL A 976 26.54 8.75 12.37
N LEU A 977 27.82 8.87 12.02
CA LEU A 977 28.80 7.87 12.43
C LEU A 977 29.63 8.35 13.61
N ASN A 978 30.33 9.48 13.43
CA ASN A 978 31.29 9.98 14.39
C ASN A 978 30.67 10.33 15.74
N ASP A 979 29.50 10.97 15.74
CA ASP A 979 28.88 11.34 17.00
C ASP A 979 28.64 10.12 17.87
N ILE A 980 27.99 9.10 17.33
CA ILE A 980 27.70 7.91 18.11
C ILE A 980 28.94 7.06 18.35
N LEU A 981 30.00 7.29 17.57
CA LEU A 981 31.31 6.78 17.97
C LEU A 981 31.76 7.44 19.27
N SER A 982 31.55 8.75 19.39
CA SER A 982 31.99 9.49 20.57
C SER A 982 30.90 9.64 21.62
N ARG A 983 29.62 9.58 21.20
CA ARG A 983 28.53 9.73 22.16
C ARG A 983 28.50 8.58 23.15
N LEU A 984 28.79 7.37 22.71
CA LEU A 984 28.75 6.19 23.55
C LEU A 984 30.15 5.61 23.69
N ASP A 985 30.35 4.86 24.78
CA ASP A 985 31.67 4.35 25.09
C ASP A 985 32.02 3.18 24.16
N LYS A 986 33.15 2.53 24.45
CA LYS A 986 33.77 1.62 23.49
C LYS A 986 32.80 0.54 22.99
N VAL A 987 32.18 -0.18 23.92
CA VAL A 987 31.31 -1.29 23.53
C VAL A 987 30.05 -0.78 22.84
N GLU A 988 29.40 0.23 23.44
CA GLU A 988 28.20 0.77 22.83
C GLU A 988 28.51 1.42 21.49
N ALA A 989 29.60 2.19 21.41
CA ALA A 989 29.96 2.81 20.14
C ALA A 989 30.21 1.75 19.07
N GLU A 990 30.96 0.71 19.41
CA GLU A 990 31.30 -0.29 18.39
C GLU A 990 30.07 -1.06 17.95
N VAL A 991 29.17 -1.41 18.87
CA VAL A 991 28.00 -2.19 18.47
C VAL A 991 27.01 -1.33 17.67
N GLN A 992 26.83 -0.07 18.07
CA GLN A 992 25.93 0.81 17.33
C GLN A 992 26.49 1.11 15.95
N ILE A 993 27.79 1.34 15.84
CA ILE A 993 28.39 1.54 14.53
C ILE A 993 28.33 0.25 13.71
N ASP A 994 28.44 -0.89 14.37
CA ASP A 994 28.24 -2.17 13.69
C ASP A 994 26.86 -2.25 13.07
N ARG A 995 25.83 -1.89 13.83
CA ARG A 995 24.48 -1.88 13.29
C ARG A 995 24.37 -0.90 12.12
N LEU A 996 24.89 0.33 12.32
CA LEU A 996 24.86 1.34 11.28
C LEU A 996 25.48 0.80 10.00
N ILE A 997 26.68 0.25 10.11
CA ILE A 997 27.37 -0.27 8.93
C ILE A 997 26.56 -1.39 8.32
N THR A 998 26.36 -2.49 9.05
CA THR A 998 25.61 -3.62 8.51
C THR A 998 24.36 -3.18 7.76
N GLY A 999 23.60 -2.24 8.33
CA GLY A 999 22.41 -1.75 7.63
C GLY A 999 22.74 -1.03 6.34
N ARG A 1000 23.66 -0.06 6.41
CA ARG A 1000 24.03 0.70 5.21
C ARG A 1000 24.69 -0.19 4.17
N LEU A 1001 25.48 -1.16 4.63
CA LEU A 1001 25.97 -2.25 3.79
C LEU A 1001 24.83 -2.86 3.01
N GLN A 1002 23.86 -3.46 3.72
CA GLN A 1002 22.72 -4.10 3.07
C GLN A 1002 22.06 -3.17 2.08
N SER A 1003 21.91 -1.90 2.45
CA SER A 1003 21.29 -0.94 1.55
C SER A 1003 22.11 -0.77 0.28
N LEU A 1004 23.43 -0.72 0.42
CA LEU A 1004 24.28 -0.59 -0.77
C LEU A 1004 24.24 -1.84 -1.61
N GLN A 1005 24.21 -3.01 -0.98
CA GLN A 1005 24.10 -4.24 -1.76
C GLN A 1005 22.79 -4.27 -2.53
N THR A 1006 21.70 -3.85 -1.89
CA THR A 1006 20.43 -3.76 -2.60
C THR A 1006 20.51 -2.75 -3.74
N TYR A 1007 21.15 -1.61 -3.49
CA TYR A 1007 21.32 -0.61 -4.54
C TYR A 1007 22.11 -1.19 -5.70
N VAL A 1008 23.18 -1.91 -5.41
CA VAL A 1008 24.04 -2.42 -6.48
C VAL A 1008 23.39 -3.58 -7.20
N THR A 1009 22.55 -4.34 -6.50
CA THR A 1009 21.83 -5.41 -7.19
C THR A 1009 20.75 -4.83 -8.10
N GLN A 1010 20.01 -3.84 -7.61
CA GLN A 1010 19.10 -3.11 -8.48
C GLN A 1010 19.86 -2.45 -9.62
N GLN A 1011 21.05 -1.94 -9.33
CA GLN A 1011 21.87 -1.29 -10.33
C GLN A 1011 22.42 -2.29 -11.32
N LEU A 1012 22.63 -3.53 -10.90
CA LEU A 1012 23.07 -4.56 -11.82
C LEU A 1012 21.91 -5.04 -12.68
N ILE A 1013 20.71 -5.05 -12.13
CA ILE A 1013 19.53 -5.33 -12.95
C ILE A 1013 19.37 -4.23 -13.99
N ARG A 1014 19.45 -2.98 -13.54
CA ARG A 1014 19.44 -1.85 -14.46
C ARG A 1014 20.61 -1.93 -15.42
N ALA A 1015 21.74 -2.44 -14.96
CA ALA A 1015 22.92 -2.52 -15.79
C ALA A 1015 22.81 -3.63 -16.81
N ALA A 1016 22.11 -4.70 -16.48
CA ALA A 1016 21.87 -5.76 -17.44
C ALA A 1016 20.85 -5.32 -18.48
N GLU A 1017 19.78 -4.68 -18.04
CA GLU A 1017 18.82 -4.19 -19.02
C GLU A 1017 19.39 -3.03 -19.82
N ILE A 1018 20.34 -2.29 -19.26
CA ILE A 1018 20.93 -1.19 -20.02
C ILE A 1018 22.10 -1.69 -20.85
N ARG A 1019 22.71 -2.81 -20.47
CA ARG A 1019 23.55 -3.55 -21.39
C ARG A 1019 22.74 -4.01 -22.58
N ALA A 1020 21.54 -4.53 -22.33
CA ALA A 1020 20.63 -4.87 -23.40
C ALA A 1020 20.32 -3.63 -24.23
N SER A 1021 20.13 -2.50 -23.58
CA SER A 1021 19.88 -1.25 -24.28
C SER A 1021 21.09 -0.85 -25.12
N ALA A 1022 22.29 -1.03 -24.59
CA ALA A 1022 23.50 -0.64 -25.31
C ALA A 1022 23.73 -1.55 -26.51
N ASN A 1023 23.54 -2.85 -26.31
CA ASN A 1023 23.59 -3.78 -27.42
C ASN A 1023 22.52 -3.46 -28.44
N LEU A 1024 21.34 -3.06 -27.96
CA LEU A 1024 20.25 -2.69 -28.86
C LEU A 1024 20.57 -1.40 -29.61
N ALA A 1025 21.25 -0.46 -28.96
CA ALA A 1025 21.64 0.76 -29.64
C ALA A 1025 22.69 0.47 -30.70
N ALA A 1026 23.75 -0.25 -30.31
CA ALA A 1026 24.73 -0.68 -31.28
C ALA A 1026 24.10 -1.50 -32.40
N THR A 1027 23.04 -2.24 -32.07
CA THR A 1027 22.38 -3.09 -33.06
C THR A 1027 21.56 -2.25 -34.03
N LYS A 1028 20.85 -1.24 -33.51
CA LYS A 1028 20.14 -0.34 -34.41
C LYS A 1028 21.12 0.35 -35.34
N MET A 1029 22.15 0.96 -34.77
CA MET A 1029 23.19 1.61 -35.55
C MET A 1029 23.72 0.67 -36.63
N SER A 1030 24.12 -0.54 -36.24
CA SER A 1030 24.70 -1.49 -37.17
C SER A 1030 23.70 -1.91 -38.24
N GLU A 1031 22.64 -2.62 -37.83
CA GLU A 1031 21.68 -3.17 -38.78
C GLU A 1031 21.06 -2.08 -39.63
N CYS A 1032 20.38 -1.14 -38.98
CA CYS A 1032 19.60 -0.15 -39.69
C CYS A 1032 20.44 0.90 -40.39
N VAL A 1033 21.61 1.26 -39.85
CA VAL A 1033 22.45 2.31 -40.40
C VAL A 1033 23.60 1.73 -41.21
N LEU A 1034 24.45 0.91 -40.59
CA LEU A 1034 25.67 0.45 -41.23
C LEU A 1034 25.41 -0.31 -42.52
N GLY A 1035 24.26 -0.98 -42.61
CA GLY A 1035 23.80 -1.56 -43.86
C GLY A 1035 22.34 -1.22 -43.99
N GLN A 1036 21.51 -2.24 -44.22
CA GLN A 1036 20.05 -2.11 -44.12
C GLN A 1036 19.50 -3.49 -43.82
N SER A 1037 19.11 -3.70 -42.56
CA SER A 1037 18.55 -4.98 -42.17
C SER A 1037 17.11 -5.11 -42.65
N LYS A 1038 16.60 -6.34 -42.55
CA LYS A 1038 15.23 -6.64 -42.88
C LYS A 1038 14.31 -6.46 -41.68
N ARG A 1039 14.81 -5.89 -40.58
CA ARG A 1039 14.09 -5.87 -39.31
C ARG A 1039 12.84 -4.99 -39.39
N VAL A 1040 11.75 -5.50 -38.83
CA VAL A 1040 10.47 -4.79 -38.82
C VAL A 1040 10.14 -4.35 -37.40
N ASP A 1041 9.63 -3.13 -37.27
CA ASP A 1041 9.40 -2.47 -35.98
C ASP A 1041 10.65 -2.56 -35.11
N PHE A 1042 11.78 -2.25 -35.73
CA PHE A 1042 13.04 -2.05 -35.05
C PHE A 1042 13.58 -0.66 -35.32
N CYS A 1043 13.50 -0.22 -36.58
CA CYS A 1043 13.86 1.13 -37.00
C CYS A 1043 12.74 1.62 -37.91
N GLY A 1044 11.68 2.14 -37.30
CA GLY A 1044 10.53 2.60 -38.04
C GLY A 1044 9.48 1.52 -38.24
N LYS A 1045 8.44 1.88 -38.99
CA LYS A 1045 7.29 1.00 -39.21
C LYS A 1045 7.28 0.49 -40.65
N GLY A 1046 7.96 -0.65 -40.86
CA GLY A 1046 7.79 -1.39 -42.09
C GLY A 1046 8.91 -1.30 -43.10
N TYR A 1047 8.66 -0.62 -44.23
CA TYR A 1047 9.66 -0.55 -45.28
C TYR A 1047 10.92 0.13 -44.77
N HIS A 1048 11.94 -0.67 -44.51
CA HIS A 1048 13.19 -0.15 -43.98
C HIS A 1048 14.17 0.08 -45.12
N LEU A 1049 14.60 1.34 -45.27
CA LEU A 1049 15.44 1.74 -46.40
C LEU A 1049 16.87 2.03 -45.99
N MET A 1050 17.07 2.77 -44.90
CA MET A 1050 18.35 2.98 -44.24
C MET A 1050 18.05 3.58 -42.87
N SER A 1051 19.07 4.13 -42.22
CA SER A 1051 18.82 4.70 -40.91
C SER A 1051 19.95 5.64 -40.50
N PHE A 1052 19.70 6.39 -39.43
CA PHE A 1052 20.53 7.53 -39.04
C PHE A 1052 20.81 7.51 -37.54
N PRO A 1053 22.06 7.60 -37.12
CA PRO A 1053 22.37 7.66 -35.69
C PRO A 1053 22.56 9.09 -35.19
N GLN A 1054 22.43 9.26 -33.88
CA GLN A 1054 22.62 10.56 -33.21
C GLN A 1054 23.37 10.38 -31.90
N SER A 1055 23.30 11.36 -30.99
CA SER A 1055 24.04 11.29 -29.74
C SER A 1055 23.36 12.09 -28.65
N ALA A 1056 23.92 12.02 -27.45
CA ALA A 1056 23.35 12.59 -26.23
C ALA A 1056 24.36 12.45 -25.09
N PRO A 1057 24.09 12.99 -23.90
CA PRO A 1057 25.05 12.79 -22.79
C PRO A 1057 25.24 11.34 -22.41
N HIS A 1058 24.18 10.64 -22.01
CA HIS A 1058 24.32 9.27 -21.56
C HIS A 1058 23.44 8.31 -22.36
N GLY A 1059 22.69 8.83 -23.30
CA GLY A 1059 21.83 8.02 -24.15
C GLY A 1059 22.06 8.44 -25.55
N VAL A 1060 21.09 8.15 -26.42
CA VAL A 1060 21.20 8.47 -27.84
C VAL A 1060 19.80 8.74 -28.38
N VAL A 1061 19.74 9.56 -29.43
CA VAL A 1061 18.54 9.78 -30.22
C VAL A 1061 18.67 8.96 -31.49
N PHE A 1062 17.54 8.58 -32.07
CA PHE A 1062 17.56 7.86 -33.34
C PHE A 1062 16.35 8.21 -34.18
N LEU A 1063 16.57 8.28 -35.50
CA LEU A 1063 15.55 8.60 -36.48
C LEU A 1063 15.87 7.79 -37.73
N HIS A 1064 14.88 7.12 -38.30
CA HIS A 1064 15.09 6.26 -39.46
C HIS A 1064 13.88 6.32 -40.39
N VAL A 1065 14.12 6.12 -41.67
CA VAL A 1065 13.13 6.43 -42.71
C VAL A 1065 12.05 5.37 -42.75
N THR A 1066 10.79 5.81 -42.89
CA THR A 1066 9.63 4.93 -42.90
C THR A 1066 8.79 5.17 -44.16
N TYR A 1067 8.80 4.20 -45.07
CA TYR A 1067 8.14 4.32 -46.37
C TYR A 1067 6.80 3.61 -46.38
N VAL A 1068 5.77 4.25 -46.95
CA VAL A 1068 4.42 3.71 -47.01
C VAL A 1068 3.72 4.17 -48.29
N PRO A 1069 3.32 3.26 -49.18
CA PRO A 1069 2.48 3.63 -50.32
C PRO A 1069 1.12 4.16 -49.87
N ALA A 1070 0.43 4.83 -50.80
CA ALA A 1070 -0.91 5.33 -50.56
C ALA A 1070 -1.64 5.43 -51.89
N GLN A 1071 -2.81 6.08 -51.89
CA GLN A 1071 -3.63 6.30 -53.09
C GLN A 1071 -4.02 4.99 -53.76
N GLU A 1072 -4.82 4.20 -53.07
CA GLU A 1072 -5.28 2.93 -53.61
C GLU A 1072 -6.44 3.12 -54.58
N LYS A 1073 -6.26 2.61 -55.80
CA LYS A 1073 -7.28 2.67 -56.85
C LYS A 1073 -7.44 1.28 -57.45
N ASN A 1074 -8.69 0.82 -57.53
CA ASN A 1074 -8.98 -0.58 -57.81
C ASN A 1074 -8.74 -0.91 -59.29
N PHE A 1075 -8.16 -2.09 -59.53
CA PHE A 1075 -7.86 -2.56 -60.89
C PHE A 1075 -7.87 -4.08 -60.90
N THR A 1076 -8.55 -4.66 -61.91
CA THR A 1076 -8.72 -6.12 -61.98
C THR A 1076 -7.43 -6.80 -62.43
N THR A 1077 -7.25 -8.06 -62.02
CA THR A 1077 -6.14 -8.90 -62.42
C THR A 1077 -6.61 -10.34 -62.60
N ALA A 1078 -5.64 -11.25 -62.81
CA ALA A 1078 -5.91 -12.67 -63.05
C ALA A 1078 -4.65 -13.51 -62.93
N PRO A 1079 -4.71 -14.69 -62.31
CA PRO A 1079 -3.50 -15.53 -62.22
C PRO A 1079 -3.08 -16.16 -63.55
N ALA A 1080 -3.92 -16.10 -64.58
CA ALA A 1080 -3.62 -16.77 -65.83
C ALA A 1080 -4.52 -16.24 -66.93
N ILE A 1081 -3.98 -16.21 -68.15
CA ILE A 1081 -4.72 -15.87 -69.36
C ILE A 1081 -4.59 -17.03 -70.33
N CYS A 1082 -5.68 -17.33 -71.04
CA CYS A 1082 -5.69 -18.37 -72.06
C CYS A 1082 -5.27 -17.77 -73.38
N HIS A 1083 -4.23 -18.32 -73.99
CA HIS A 1083 -3.73 -17.84 -75.27
C HIS A 1083 -2.95 -18.96 -75.94
N ASP A 1084 -3.40 -19.41 -77.10
CA ASP A 1084 -2.74 -20.45 -77.89
C ASP A 1084 -2.61 -21.75 -77.10
N GLY A 1085 -3.50 -21.96 -76.13
CA GLY A 1085 -3.48 -23.19 -75.35
C GLY A 1085 -2.32 -23.32 -74.38
N LYS A 1086 -1.75 -22.21 -73.92
CA LYS A 1086 -0.67 -22.23 -72.96
C LYS A 1086 -0.90 -21.19 -71.88
N ALA A 1087 -0.32 -21.44 -70.71
CA ALA A 1087 -0.50 -20.57 -69.55
C ALA A 1087 0.60 -19.52 -69.49
N HIS A 1088 0.21 -18.27 -69.31
CA HIS A 1088 1.13 -17.14 -69.37
C HIS A 1088 1.15 -16.42 -68.03
N PHE A 1089 2.33 -16.33 -67.43
CA PHE A 1089 2.54 -15.66 -66.14
C PHE A 1089 3.77 -14.80 -66.20
N PRO A 1090 3.82 -13.72 -65.41
CA PRO A 1090 4.95 -12.79 -65.49
C PRO A 1090 6.07 -13.13 -64.52
N ARG A 1091 7.23 -12.51 -64.76
CA ARG A 1091 8.38 -12.69 -63.87
C ARG A 1091 8.31 -11.74 -62.67
N GLU A 1092 8.38 -10.44 -62.93
CA GLU A 1092 8.27 -9.42 -61.89
C GLU A 1092 7.19 -8.43 -62.33
N GLY A 1093 5.96 -8.75 -61.97
CA GLY A 1093 4.81 -7.99 -62.39
C GLY A 1093 3.54 -8.79 -62.21
N VAL A 1094 2.41 -8.14 -62.50
CA VAL A 1094 1.10 -8.75 -62.36
C VAL A 1094 0.22 -8.28 -63.52
N PHE A 1095 -0.67 -9.16 -63.96
CA PHE A 1095 -1.57 -8.85 -65.08
C PHE A 1095 -2.66 -7.90 -64.62
N VAL A 1096 -2.32 -6.62 -64.49
CA VAL A 1096 -3.26 -5.60 -64.08
C VAL A 1096 -4.21 -5.29 -65.25
N SER A 1097 -5.44 -4.95 -64.92
CA SER A 1097 -6.44 -4.57 -65.90
C SER A 1097 -7.08 -3.25 -65.51
N ASN A 1098 -7.28 -2.38 -66.50
CA ASN A 1098 -7.87 -1.07 -66.30
C ASN A 1098 -9.35 -1.02 -66.68
N GLY A 1099 -9.97 -2.17 -66.97
CA GLY A 1099 -11.38 -2.23 -67.25
C GLY A 1099 -11.71 -2.98 -68.53
N THR A 1100 -10.90 -2.78 -69.57
CA THR A 1100 -11.07 -3.51 -70.81
C THR A 1100 -9.76 -4.01 -71.40
N HIS A 1101 -8.62 -3.56 -70.92
CA HIS A 1101 -7.31 -4.02 -71.39
C HIS A 1101 -6.52 -4.54 -70.20
N TRP A 1102 -5.42 -5.23 -70.50
CA TRP A 1102 -4.63 -5.91 -69.49
C TRP A 1102 -3.15 -5.59 -69.66
N PHE A 1103 -2.52 -5.17 -68.57
CA PHE A 1103 -1.12 -4.76 -68.57
C PHE A 1103 -0.38 -5.49 -67.46
N VAL A 1104 0.95 -5.33 -67.45
CA VAL A 1104 1.80 -5.89 -66.41
C VAL A 1104 2.49 -4.74 -65.68
N THR A 1105 2.28 -4.68 -64.37
CA THR A 1105 2.87 -3.63 -63.54
C THR A 1105 3.32 -4.21 -62.21
N GLN A 1106 3.95 -3.35 -61.42
CA GLN A 1106 4.47 -3.74 -60.12
C GLN A 1106 3.47 -3.38 -59.02
N ARG A 1107 3.69 -3.93 -57.82
CA ARG A 1107 2.67 -3.96 -56.79
C ARG A 1107 2.88 -2.92 -55.69
N ASN A 1108 3.75 -1.95 -55.92
CA ASN A 1108 3.73 -0.69 -55.19
C ASN A 1108 3.83 0.50 -56.13
N PHE A 1109 3.73 0.25 -57.44
CA PHE A 1109 3.91 1.28 -58.45
C PHE A 1109 3.20 0.82 -59.72
N TYR A 1110 2.21 1.61 -60.16
CA TYR A 1110 1.34 1.24 -61.28
C TYR A 1110 1.91 1.80 -62.57
N GLU A 1111 2.73 1.00 -63.25
CA GLU A 1111 3.38 1.43 -64.50
C GLU A 1111 2.85 0.60 -65.66
N PRO A 1112 2.11 1.20 -66.60
CA PRO A 1112 1.44 0.42 -67.65
C PRO A 1112 2.38 0.09 -68.80
N GLN A 1113 2.58 -1.21 -69.05
CA GLN A 1113 3.32 -1.69 -70.20
C GLN A 1113 2.55 -2.85 -70.83
N ILE A 1114 2.77 -3.05 -72.13
CA ILE A 1114 2.08 -4.11 -72.84
C ILE A 1114 2.68 -5.46 -72.48
N ILE A 1115 1.83 -6.48 -72.37
CA ILE A 1115 2.26 -7.82 -72.00
C ILE A 1115 2.87 -8.48 -73.24
N THR A 1116 4.18 -8.72 -73.19
CA THR A 1116 4.89 -9.34 -74.30
C THR A 1116 5.67 -10.56 -73.85
N THR A 1117 6.50 -11.12 -74.74
CA THR A 1117 7.29 -12.31 -74.42
C THR A 1117 8.73 -11.98 -74.07
N ASP A 1118 9.08 -10.72 -73.83
CA ASP A 1118 10.43 -10.34 -73.43
C ASP A 1118 10.57 -10.15 -71.92
N ASN A 1119 9.55 -9.64 -71.25
CA ASN A 1119 9.58 -9.45 -69.81
C ASN A 1119 8.73 -10.47 -69.06
N THR A 1120 8.23 -11.50 -69.73
CA THR A 1120 7.41 -12.52 -69.10
C THR A 1120 7.84 -13.89 -69.60
N PHE A 1121 7.09 -14.93 -69.20
CA PHE A 1121 7.34 -16.30 -69.61
C PHE A 1121 6.01 -17.01 -69.83
N VAL A 1122 6.06 -18.07 -70.64
CA VAL A 1122 4.89 -18.89 -70.92
C VAL A 1122 5.28 -20.35 -70.75
N SER A 1123 4.39 -21.13 -70.13
CA SER A 1123 4.68 -22.54 -69.86
C SER A 1123 3.39 -23.31 -69.65
N GLY A 1124 3.41 -24.58 -70.04
CA GLY A 1124 2.31 -25.49 -69.76
C GLY A 1124 1.01 -25.06 -70.39
N ASN A 1125 -0.06 -25.13 -69.61
CA ASN A 1125 -1.40 -24.78 -70.06
C ASN A 1125 -2.20 -24.24 -68.88
N CYS A 1126 -3.32 -23.60 -69.19
CA CYS A 1126 -4.17 -22.99 -68.18
C CYS A 1126 -4.66 -24.02 -67.16
N ASP A 1127 -4.26 -23.85 -65.91
CA ASP A 1127 -4.59 -24.79 -64.85
C ASP A 1127 -5.97 -24.48 -64.28
N VAL A 1128 -6.30 -25.11 -63.15
CA VAL A 1128 -7.58 -24.91 -62.51
C VAL A 1128 -7.49 -23.78 -61.49
N VAL A 1129 -8.13 -22.64 -61.80
CA VAL A 1129 -8.13 -21.48 -60.93
C VAL A 1129 -9.25 -20.54 -61.38
N ILE A 1130 -9.71 -19.70 -60.47
CA ILE A 1130 -10.76 -18.73 -60.74
C ILE A 1130 -10.12 -17.47 -61.32
N GLY A 1131 -10.49 -17.14 -62.56
CA GLY A 1131 -10.03 -15.90 -63.15
C GLY A 1131 -9.38 -16.02 -64.51
N ILE A 1132 -9.58 -17.14 -65.22
CA ILE A 1132 -9.07 -17.26 -66.57
C ILE A 1132 -9.94 -16.44 -67.52
N VAL A 1133 -9.32 -15.56 -68.28
CA VAL A 1133 -10.02 -14.60 -69.12
C VAL A 1133 -9.24 -14.36 -70.42
N ASN A 1134 -9.79 -13.46 -71.25
CA ASN A 1134 -9.28 -13.08 -72.56
C ASN A 1134 -8.16 -12.04 -72.45
N ASN A 1135 -7.93 -11.31 -73.55
CA ASN A 1135 -6.85 -10.32 -73.66
C ASN A 1135 -5.46 -10.96 -73.62
N THR A 1136 -5.14 -11.70 -74.68
CA THR A 1136 -3.89 -12.44 -74.80
C THR A 1136 -2.71 -11.46 -74.85
N VAL A 1137 -1.50 -12.03 -74.98
CA VAL A 1137 -0.26 -11.26 -74.88
C VAL A 1137 0.30 -11.03 -76.29
N TYR A 1138 1.28 -10.14 -76.36
CA TYR A 1138 1.95 -9.79 -77.61
C TYR A 1138 3.25 -10.57 -77.75
N GLU B 2 -26.08 -41.21 28.30
CA GLU B 2 -26.42 -42.58 28.66
C GLU B 2 -25.57 -42.98 29.87
N VAL B 3 -24.87 -42.00 30.44
CA VAL B 3 -24.09 -42.21 31.66
C VAL B 3 -24.81 -41.55 32.82
N GLN B 4 -26.01 -41.05 32.57
CA GLN B 4 -26.81 -40.39 33.60
C GLN B 4 -27.01 -41.33 34.77
N LEU B 5 -26.48 -40.94 35.93
CA LEU B 5 -26.51 -41.82 37.10
C LEU B 5 -27.90 -41.83 37.70
N VAL B 6 -28.56 -42.97 37.63
CA VAL B 6 -29.84 -43.18 38.31
C VAL B 6 -29.54 -43.90 39.61
N GLU B 7 -29.78 -43.22 40.72
CA GLU B 7 -29.57 -43.82 42.04
C GLU B 7 -30.81 -44.59 42.45
N SER B 8 -30.61 -45.62 43.27
CA SER B 8 -31.70 -46.48 43.69
C SER B 8 -31.30 -47.16 45.00
N GLY B 9 -32.08 -48.18 45.38
CA GLY B 9 -31.80 -48.91 46.59
C GLY B 9 -32.30 -48.23 47.84
N GLY B 10 -32.24 -46.90 47.87
CA GLY B 10 -32.62 -46.17 49.05
C GLY B 10 -34.10 -46.28 49.35
N GLY B 11 -34.45 -46.07 50.61
CA GLY B 11 -35.83 -46.15 51.03
C GLY B 11 -35.94 -46.16 52.53
N GLN B 12 -37.15 -46.44 53.00
CA GLN B 12 -37.41 -46.50 54.43
C GLN B 12 -36.71 -47.70 55.06
N VAL B 13 -35.94 -47.45 56.12
CA VAL B 13 -35.28 -48.50 56.88
C VAL B 13 -35.46 -48.20 58.36
N GLU B 14 -35.99 -49.15 59.11
CA GLU B 14 -36.13 -48.99 60.55
C GLU B 14 -34.77 -49.16 61.22
N THR B 15 -34.64 -48.59 62.42
CA THR B 15 -33.37 -48.65 63.14
C THR B 15 -33.01 -50.09 63.43
N GLY B 16 -31.76 -50.45 63.15
CA GLY B 16 -31.25 -51.79 63.37
C GLY B 16 -31.33 -52.72 62.18
N GLY B 17 -31.89 -52.26 61.07
CA GLY B 17 -32.02 -53.07 59.87
C GLY B 17 -30.84 -52.94 58.93
N SER B 18 -31.05 -53.36 57.69
CA SER B 18 -30.02 -53.32 56.66
C SER B 18 -30.67 -53.03 55.32
N LEU B 19 -29.89 -52.44 54.42
CA LEU B 19 -30.41 -52.07 53.10
C LEU B 19 -29.32 -52.21 52.06
N ARG B 20 -29.69 -52.74 50.89
CA ARG B 20 -28.80 -52.82 49.75
C ARG B 20 -29.05 -51.62 48.84
N LEU B 21 -27.97 -51.00 48.38
CA LEU B 21 -28.05 -49.77 47.60
C LEU B 21 -27.55 -50.02 46.19
N SER B 22 -28.25 -49.46 45.21
CA SER B 22 -27.89 -49.61 43.81
C SER B 22 -27.94 -48.25 43.12
N CYS B 23 -27.12 -48.12 42.08
CA CYS B 23 -27.06 -46.88 41.32
C CYS B 23 -26.47 -47.19 39.96
N GLN B 24 -27.11 -46.68 38.90
CA GLN B 24 -26.78 -47.10 37.55
C GLN B 24 -26.54 -45.89 36.66
N ALA B 25 -25.50 -45.98 35.83
CA ALA B 25 -25.32 -45.08 34.69
C ALA B 25 -25.90 -45.83 33.50
N SER B 26 -27.25 -45.90 33.48
CA SER B 26 -28.00 -46.80 32.61
C SER B 26 -27.53 -46.79 31.17
N GLY B 27 -26.98 -47.91 30.70
CA GLY B 27 -26.48 -48.01 29.36
C GLY B 27 -25.02 -47.65 29.17
N SER B 28 -24.28 -47.44 30.26
CA SER B 28 -22.87 -47.13 30.18
C SER B 28 -22.15 -47.78 31.36
N THR B 29 -20.90 -47.40 31.57
CA THR B 29 -20.05 -48.08 32.55
C THR B 29 -20.54 -47.83 33.97
N PHE B 30 -20.18 -48.76 34.86
CA PHE B 30 -20.24 -48.53 36.30
C PHE B 30 -18.96 -48.85 37.03
N SER B 31 -18.25 -49.90 36.62
CA SER B 31 -17.33 -50.62 37.49
C SER B 31 -16.24 -49.75 38.12
N ASP B 32 -15.39 -49.13 37.31
CA ASP B 32 -14.19 -48.48 37.85
C ASP B 32 -14.45 -47.05 38.33
N TYR B 33 -15.67 -46.54 38.23
CA TYR B 33 -16.00 -45.30 38.91
C TYR B 33 -15.94 -45.54 40.42
N VAL B 34 -15.14 -44.73 41.11
CA VAL B 34 -15.08 -44.83 42.56
C VAL B 34 -16.41 -44.40 43.16
N MET B 35 -16.88 -45.16 44.14
CA MET B 35 -18.13 -44.86 44.81
C MET B 35 -17.86 -44.11 46.10
N ALA B 36 -18.67 -43.09 46.36
CA ALA B 36 -18.54 -42.30 47.57
C ALA B 36 -19.90 -41.72 47.90
N TRP B 37 -20.61 -42.35 48.83
CA TRP B 37 -21.90 -41.88 49.30
C TRP B 37 -21.71 -40.74 50.29
N PHE B 38 -22.76 -39.95 50.49
CA PHE B 38 -22.72 -38.82 51.40
C PHE B 38 -24.06 -38.66 52.09
N ARG B 39 -24.02 -38.48 53.41
CA ARG B 39 -25.20 -38.25 54.22
C ARG B 39 -25.37 -36.76 54.48
N GLN B 40 -26.61 -36.28 54.34
CA GLN B 40 -26.96 -34.89 54.60
C GLN B 40 -28.08 -34.89 55.65
N ARG B 41 -27.78 -34.38 56.83
CA ARG B 41 -28.75 -34.42 57.91
C ARG B 41 -29.71 -33.24 57.80
N PRO B 42 -30.98 -33.44 58.11
CA PRO B 42 -31.90 -32.30 58.18
C PRO B 42 -31.47 -31.33 59.27
N GLY B 43 -31.47 -30.05 58.95
CA GLY B 43 -31.05 -29.03 59.90
C GLY B 43 -29.57 -29.02 60.20
N LYS B 44 -28.77 -29.83 59.53
CA LYS B 44 -27.35 -29.89 59.79
C LYS B 44 -26.53 -29.94 58.50
N GLU B 45 -25.23 -30.17 58.68
CA GLU B 45 -24.23 -30.18 57.64
C GLU B 45 -23.92 -31.63 57.23
N ARG B 46 -23.61 -31.81 55.95
CA ARG B 46 -23.32 -33.13 55.42
C ARG B 46 -21.94 -33.62 55.81
N GLU B 47 -21.83 -34.94 55.94
CA GLU B 47 -20.69 -35.55 56.60
C GLU B 47 -20.23 -36.75 55.78
N PHE B 48 -18.92 -36.92 55.77
CA PHE B 48 -18.29 -38.01 55.05
C PHE B 48 -18.57 -39.34 55.73
N VAL B 49 -18.79 -40.37 54.93
CA VAL B 49 -19.13 -41.68 55.48
C VAL B 49 -18.06 -42.71 55.10
N ALA B 50 -17.86 -42.93 53.81
CA ALA B 50 -16.94 -43.95 53.33
C ALA B 50 -16.86 -43.87 51.82
N THR B 51 -16.03 -44.73 51.24
CA THR B 51 -15.86 -44.81 49.80
C THR B 51 -15.18 -46.12 49.45
N ILE B 52 -14.83 -46.29 48.17
CA ILE B 52 -14.20 -47.49 47.66
C ILE B 52 -12.99 -47.08 46.83
N SER B 53 -12.19 -48.07 46.46
CA SER B 53 -11.11 -47.85 45.50
C SER B 53 -11.59 -48.24 44.11
N ARG B 54 -10.79 -47.88 43.09
CA ARG B 54 -11.11 -48.25 41.73
C ARG B 54 -11.04 -49.77 41.53
N ASN B 55 -9.97 -50.38 42.02
CA ASN B 55 -9.73 -51.80 41.76
C ASN B 55 -10.73 -52.71 42.47
N GLY B 56 -11.45 -52.21 43.46
CA GLY B 56 -12.40 -53.03 44.17
C GLY B 56 -11.78 -53.76 45.35
N GLY B 57 -10.47 -54.03 45.24
CA GLY B 57 -9.79 -54.73 46.33
C GLY B 57 -9.77 -53.94 47.62
N THR B 58 -9.70 -52.61 47.52
CA THR B 58 -9.60 -51.75 48.70
C THR B 58 -10.96 -51.11 48.96
N THR B 59 -11.59 -51.51 50.05
CA THR B 59 -12.85 -50.91 50.49
C THR B 59 -12.53 -49.88 51.57
N THR B 60 -12.00 -48.74 51.12
CA THR B 60 -11.52 -47.70 52.02
C THR B 60 -12.71 -47.01 52.69
N TYR B 61 -13.05 -47.49 53.88
CA TYR B 61 -14.19 -47.01 54.62
C TYR B 61 -13.85 -45.71 55.36
N GLY B 62 -14.71 -45.33 56.30
CA GLY B 62 -14.61 -44.04 56.96
C GLY B 62 -13.47 -43.96 57.96
N SER B 63 -13.33 -42.77 58.52
CA SER B 63 -12.29 -42.45 59.49
C SER B 63 -12.55 -43.08 60.86
N SER B 64 -13.79 -43.01 61.34
CA SER B 64 -14.15 -43.60 62.62
C SER B 64 -14.37 -45.11 62.44
N VAL B 65 -15.01 -45.73 63.44
CA VAL B 65 -15.38 -47.13 63.33
C VAL B 65 -16.10 -47.36 62.00
N LYS B 66 -15.60 -48.29 61.21
CA LYS B 66 -15.89 -48.34 59.79
C LYS B 66 -16.62 -49.60 59.33
N GLY B 67 -16.59 -50.68 60.10
CA GLY B 67 -17.16 -51.94 59.65
C GLY B 67 -18.67 -51.94 59.52
N ARG B 68 -19.32 -50.79 59.72
CA ARG B 68 -20.77 -50.75 59.67
C ARG B 68 -21.30 -50.89 58.25
N PHE B 69 -20.60 -50.30 57.28
CA PHE B 69 -21.10 -50.21 55.91
C PHE B 69 -20.35 -51.19 55.02
N THR B 70 -21.07 -51.82 54.10
CA THR B 70 -20.52 -52.88 53.26
C THR B 70 -20.75 -52.54 51.79
N ILE B 71 -19.69 -52.63 50.99
CA ILE B 71 -19.70 -52.14 49.62
C ILE B 71 -19.16 -53.21 48.68
N SER B 72 -19.63 -53.18 47.42
CA SER B 72 -19.11 -54.06 46.38
C SER B 72 -19.60 -53.57 45.02
N ARG B 73 -18.85 -53.96 43.99
CA ARG B 73 -19.22 -53.71 42.60
C ARG B 73 -19.51 -55.03 41.90
N ASP B 74 -20.51 -55.05 41.01
CA ASP B 74 -20.80 -56.20 40.19
C ASP B 74 -20.76 -55.81 38.73
N ASN B 75 -19.87 -56.44 37.96
CA ASN B 75 -19.77 -56.16 36.53
C ASN B 75 -21.01 -56.65 35.79
N ALA B 76 -21.58 -57.78 36.23
CA ALA B 76 -22.66 -58.43 35.50
C ALA B 76 -23.92 -57.59 35.42
N LYS B 77 -24.10 -56.60 36.31
CA LYS B 77 -25.26 -55.73 36.28
C LYS B 77 -24.93 -54.25 36.34
N SER B 78 -23.67 -53.88 36.60
CA SER B 78 -23.19 -52.50 36.49
C SER B 78 -23.95 -51.55 37.42
N THR B 79 -23.95 -51.88 38.70
CA THR B 79 -24.49 -51.00 39.73
C THR B 79 -23.83 -51.33 41.05
N VAL B 80 -23.93 -50.40 41.99
CA VAL B 80 -23.31 -50.61 43.29
C VAL B 80 -24.13 -51.61 44.08
N TYR B 81 -23.47 -52.33 44.98
CA TYR B 81 -24.16 -53.20 45.93
C TYR B 81 -23.64 -52.81 47.31
N LEU B 82 -24.22 -51.76 47.86
CA LEU B 82 -23.85 -51.25 49.18
C LEU B 82 -24.76 -51.92 50.20
N GLN B 83 -24.21 -52.87 50.96
CA GLN B 83 -25.00 -53.55 51.99
C GLN B 83 -24.84 -52.78 53.29
N MET B 84 -25.73 -51.82 53.51
CA MET B 84 -25.73 -51.08 54.76
C MET B 84 -25.96 -52.02 55.94
N ASN B 85 -25.31 -51.71 57.07
CA ASN B 85 -25.47 -52.48 58.28
C ASN B 85 -25.07 -51.62 59.47
N SER B 86 -25.41 -52.10 60.67
CA SER B 86 -25.03 -51.48 61.94
C SER B 86 -25.51 -50.03 62.00
N LEU B 87 -26.83 -49.90 62.02
CA LEU B 87 -27.46 -48.58 61.98
C LEU B 87 -27.26 -47.81 63.28
N LYS B 88 -27.20 -46.49 63.12
CA LYS B 88 -27.44 -45.49 64.14
C LYS B 88 -28.41 -44.48 63.53
N PRO B 89 -29.20 -43.79 64.36
CA PRO B 89 -30.19 -42.86 63.80
C PRO B 89 -29.58 -41.69 63.06
N GLU B 90 -28.25 -41.65 62.95
CA GLU B 90 -27.52 -40.54 62.35
C GLU B 90 -27.23 -40.76 60.86
N ASP B 91 -28.03 -41.57 60.17
CA ASP B 91 -27.81 -41.83 58.76
C ASP B 91 -29.05 -41.62 57.90
N THR B 92 -30.11 -41.02 58.45
CA THR B 92 -31.31 -40.71 57.68
C THR B 92 -30.98 -39.57 56.73
N ALA B 93 -30.71 -39.89 55.47
CA ALA B 93 -30.27 -38.86 54.54
C ALA B 93 -30.44 -39.35 53.11
N VAL B 94 -30.50 -38.38 52.19
CA VAL B 94 -30.38 -38.66 50.77
C VAL B 94 -28.90 -38.68 50.41
N TYR B 95 -28.49 -39.70 49.67
CA TYR B 95 -27.08 -39.90 49.39
C TYR B 95 -26.79 -39.65 47.91
N TYR B 96 -25.51 -39.52 47.61
CA TYR B 96 -25.04 -39.16 46.29
C TYR B 96 -24.18 -40.28 45.72
N CYS B 97 -24.51 -40.69 44.48
CA CYS B 97 -23.75 -41.76 43.85
C CYS B 97 -22.28 -41.40 43.71
N TYR B 98 -22.00 -40.20 43.19
CA TYR B 98 -20.65 -39.64 43.13
C TYR B 98 -19.67 -40.63 42.50
N ALA B 99 -20.02 -41.07 41.30
CA ALA B 99 -19.12 -41.86 40.46
C ALA B 99 -18.07 -40.91 39.92
N VAL B 100 -17.02 -40.70 40.70
CA VAL B 100 -16.11 -39.59 40.43
C VAL B 100 -15.30 -39.79 39.16
N GLY B 101 -15.26 -41.00 38.61
CA GLY B 101 -14.63 -41.19 37.32
C GLY B 101 -15.38 -40.45 36.23
N GLY B 102 -14.66 -40.10 35.17
CA GLY B 102 -15.25 -39.26 34.15
C GLY B 102 -15.68 -37.93 34.74
N ASP B 103 -16.97 -37.74 34.91
CA ASP B 103 -17.50 -36.56 35.61
C ASP B 103 -17.56 -36.89 37.09
N GLY B 104 -16.88 -36.08 37.89
CA GLY B 104 -16.70 -36.43 39.30
C GLY B 104 -17.98 -36.29 40.10
N ASP B 105 -18.43 -35.06 40.32
CA ASP B 105 -19.66 -34.81 41.06
C ASP B 105 -20.82 -35.29 40.18
N SER B 106 -20.98 -36.60 40.15
CA SER B 106 -21.95 -37.26 39.30
C SER B 106 -23.20 -37.57 40.11
N TRP B 107 -24.35 -37.17 39.56
CA TRP B 107 -25.63 -37.39 40.21
C TRP B 107 -26.69 -37.34 39.11
N GLY B 108 -27.94 -37.12 39.49
CA GLY B 108 -29.00 -36.93 38.52
C GLY B 108 -30.35 -37.41 38.98
N GLN B 109 -30.38 -38.30 39.97
CA GLN B 109 -31.60 -38.52 40.75
C GLN B 109 -31.41 -38.20 42.22
N GLY B 110 -30.53 -38.92 42.91
CA GLY B 110 -30.31 -38.73 44.33
C GLY B 110 -31.23 -39.63 45.11
N THR B 111 -30.72 -40.74 45.65
CA THR B 111 -31.57 -41.69 46.36
C THR B 111 -31.54 -41.41 47.85
N GLN B 112 -32.71 -41.50 48.48
CA GLN B 112 -32.85 -41.19 49.90
C GLN B 112 -33.08 -42.47 50.68
N VAL B 113 -32.29 -42.66 51.73
CA VAL B 113 -32.50 -43.73 52.70
C VAL B 113 -32.92 -43.09 54.01
N THR B 114 -33.99 -43.63 54.59
CA THR B 114 -34.49 -43.14 55.87
C THR B 114 -34.17 -44.17 56.94
N VAL B 115 -33.42 -43.75 57.96
CA VAL B 115 -33.12 -44.59 59.11
C VAL B 115 -34.22 -44.32 60.14
N SER B 116 -35.33 -45.06 60.03
CA SER B 116 -36.48 -44.84 60.88
C SER B 116 -36.18 -45.35 62.29
N SER B 117 -37.16 -45.28 63.17
CA SER B 117 -36.99 -45.73 64.55
C SER B 117 -36.96 -47.25 64.63
#